data_7DOI
#
_entry.id   7DOI
#
_cell.length_a   1.00
_cell.length_b   1.00
_cell.length_c   1.00
_cell.angle_alpha   90.00
_cell.angle_beta   90.00
_cell.angle_gamma   90.00
#
_symmetry.space_group_name_H-M   'P 1'
#
loop_
_entity.id
_entity.type
_entity.pdbx_description
1 polymer 'RNA-directed RNA polymerase'
2 polymer 'Non-structural protein 8'
3 polymer 'Non-structural protein 7'
4 polymer "RNA (5'-R(P*AP*GP*AP*UP*UP*AP*AP*GP*UP*UP*AP*U)-3')"
5 polymer "RNA (5'-R(P*CP*CP*UP*AP*UP*AP*AP*CP*UP*UP*AP*AP*UP*CP*U)-3')"
6 non-polymer 'ZINC ION'
7 non-polymer 'PYROPHOSPHATE 2-'
8 non-polymer 'MAGNESIUM ION'
9 non-polymer '[(2R)-4-(2-azanyl-6-oxidanylidene-3H-purin-9-yl)-2-(hydroxymethyl)butyl] dihydrogen phosphate'
10 water water
#
loop_
_entity_poly.entity_id
_entity_poly.type
_entity_poly.pdbx_seq_one_letter_code
_entity_poly.pdbx_strand_id
1 'polypeptide(L)'
;MSADAQSFLNRVCGVSAARLTPCGTGTSTDVVYRAFDIYNDKVAGFAKFLKTNCCRFQEKDEDDNLIDSYFVVKRHTFSN
YQHEETIYNLLKDCPAVAKHDFFKFRIDGDMVPHISRQRLTKYTMADLVYALRHFDEGNCDTLKEILVTYNCCDDDYFNK
KDWYDFVENPDILRVYANLGERVRQALLKTVQFCDAMRNAGIVGVLTLDNQDLNGNWYDFGDFIQTTPGSGVPVVDSYYS
LLMPILTLTRALTAESHVDTDLTKPYIKWDLLKYDFTEERLKLFDRYFKYWDQTYHPNCVNCLDDRCILHCANFNVLFST
VFPPTSFGPLVRKIFVDGVPFVVSTGYHFRELGVVHNQDVNLHSSRLSFKELLVYAADPAMHAASGNLLLDKRTTCFSVA
ALTNNVAFQTVKPGNFNKDFYDFAVSKGFFKEGSSVELKHFFFAQDGNAAISDYDYYRYNLPTMCDIRQLLFVVEVVDKY
FDCYDGGCINANQVIVNNLDKSAGFPFNKWGKARLYYDSMSYEDQDALFAYTKRNVIPTITQMNLKYAISAKNRARTVAG
VSICSTMTNRQFHQKLLKSIAATRGATVVIGTSKFYGGWHNMLKTVYSDVENPHLMGWDYPKCDRAMPNMLRIMASLVLA
RKHTTCCSLSHRFYRLANECAQVLSEMVMCGGSLYVKPGGTSSGDATTAYANSVFNICQAVTANVNALLSTDGNKIADKY
VRNLQHRLYECLYRNRDVDTDFVNEFYAYLRKHFSMMILSDDAVVCFNSTYASQGLVASIKNFKSVLYYQNNVFMSEAKC
WTETDLTKGPHEFCSQHTMLVKQGDDYVYLPYPDPSRILGAGCFVDDIVKTDGTLMIERFVSLAIDAYPLTKHPNQEYAD
VFHLYLQYIRKLHDELTGHMLDMYSVMLTNDNTSRYWEPEFYEAMYTPHTVLQGGSENLYFQG
;
A
2 'polypeptide(L)'
;MAIASEFSSLPSYAAFATAQEAYEQAVANGDSEVVLKKLKKSLNVAKSEFDRDAAMQRKLEKMADQAMTQMYKQARSEDK
RAKVTSAMQTMLFTMLRKLDNDALNNIINNARDGCVPLNIIPLTTAAKLMVVIPDYNTYKNTCDGTTFTYASALWEIQQV
VDADSKIVQLSEISMDNSPNLAWPLIVTALRANSAVKLQ
;
B,G
3 'polypeptide(L)'
;MSKMSDVKCTSVVLLSVLQQLRVESSSKLWAQCVQLHNDILLAKDTTEAFEKMVSLLSVLLSMQGAVDINKLCEEMLDNR
ATLQ
;
C
4 'polyribonucleotide' AGAUUAAGUUAU P
5 'polyribonucleotide' CCUAUAACUUAAUCU T
#
loop_
_chem_comp.id
_chem_comp.type
_chem_comp.name
_chem_comp.formula
A RNA linking ADENOSINE-5'-MONOPHOSPHATE 'C10 H14 N5 O7 P'
C RNA linking CYTIDINE-5'-MONOPHOSPHATE 'C9 H14 N3 O8 P'
G RNA linking GUANOSINE-5'-MONOPHOSPHATE 'C10 H14 N5 O8 P'
HCU non-polymer '[(2R)-4-(2-azanyl-6-oxidanylidene-3H-purin-9-yl)-2-(hydroxymethyl)butyl] dihydrogen phosphate' 'C10 H16 N5 O6 P'
MG non-polymer 'MAGNESIUM ION' 'Mg 2'
POP non-polymer 'PYROPHOSPHATE 2-' 'H2 O7 P2 -2'
U RNA linking URIDINE-5'-MONOPHOSPHATE 'C9 H13 N2 O9 P'
ZN non-polymer 'ZINC ION' 'Zn 2'
#
# COMPACT_ATOMS: atom_id res chain seq x y z
N ALA A 5 12.81 -41.68 38.91
CA ALA A 5 11.65 -40.86 39.34
C ALA A 5 12.16 -39.59 40.03
N GLN A 6 11.94 -39.51 41.35
CA GLN A 6 12.38 -38.33 42.15
C GLN A 6 13.90 -38.24 42.13
N SER A 7 14.60 -39.38 42.16
CA SER A 7 16.09 -39.39 42.17
C SER A 7 16.61 -38.74 40.89
N PHE A 8 16.00 -39.05 39.74
CA PHE A 8 16.42 -38.48 38.44
C PHE A 8 16.19 -36.97 38.46
N LEU A 9 15.06 -36.54 39.05
CA LEU A 9 14.71 -35.10 39.14
C LEU A 9 15.78 -34.38 39.95
N ASN A 10 16.24 -34.99 41.05
CA ASN A 10 17.27 -34.37 41.92
C ASN A 10 18.57 -34.21 41.14
N ARG A 11 18.94 -35.22 40.33
CA ARG A 11 20.19 -35.18 39.54
C ARG A 11 20.14 -34.02 38.54
N VAL A 12 18.98 -33.77 37.93
CA VAL A 12 18.82 -32.68 36.94
C VAL A 12 19.12 -31.33 37.61
N CYS A 13 18.68 -31.15 38.87
CA CYS A 13 18.93 -29.88 39.62
C CYS A 13 20.44 -29.60 39.62
N GLY A 14 21.22 -30.45 40.28
CA GLY A 14 22.67 -30.30 40.30
C GLY A 14 23.12 -29.15 41.18
N VAL A 15 24.11 -28.41 40.69
CA VAL A 15 24.73 -27.34 41.47
C VAL A 15 23.82 -26.10 41.52
N SER A 16 22.85 -26.02 40.60
CA SER A 16 21.96 -24.86 40.54
C SER A 16 21.02 -24.80 41.74
N ALA A 17 20.69 -25.86 42.25
CA ALA A 17 19.67 -26.05 43.28
C ALA A 17 18.39 -25.30 42.93
N ALA A 18 17.89 -25.58 41.73
CA ALA A 18 16.71 -24.93 41.20
C ALA A 18 15.51 -25.82 41.45
N ARG A 19 14.37 -25.21 41.75
CA ARG A 19 13.15 -25.96 42.02
C ARG A 19 12.48 -26.37 40.72
N LEU A 20 12.50 -27.66 40.43
CA LEU A 20 12.03 -28.17 39.14
C LEU A 20 10.71 -28.91 39.30
N THR A 21 9.85 -28.80 38.30
CA THR A 21 8.73 -29.70 38.16
C THR A 21 8.80 -30.38 36.79
N PRO A 22 8.41 -31.63 36.68
CA PRO A 22 8.53 -32.32 35.39
C PRO A 22 7.37 -31.97 34.46
N CYS A 23 7.70 -31.82 33.18
CA CYS A 23 6.65 -31.64 32.16
C CYS A 23 6.12 -32.98 31.68
N GLY A 24 7.01 -34.02 31.64
CA GLY A 24 6.64 -35.40 31.43
C GLY A 24 6.45 -36.15 32.74
N THR A 25 6.02 -37.40 32.63
CA THR A 25 5.80 -38.22 33.81
C THR A 25 6.92 -39.25 33.93
N GLY A 26 7.57 -39.27 35.09
CA GLY A 26 8.61 -40.27 35.33
C GLY A 26 9.90 -39.90 34.64
N THR A 27 10.55 -40.91 34.05
CA THR A 27 11.81 -40.73 33.34
C THR A 27 11.63 -40.73 31.83
N SER A 28 10.41 -40.92 31.33
CA SER A 28 10.16 -40.93 29.90
C SER A 28 10.29 -39.53 29.31
N THR A 29 10.68 -39.47 28.04
CA THR A 29 10.85 -38.21 27.33
C THR A 29 9.51 -37.55 27.09
N ASP A 30 9.56 -36.23 26.88
CA ASP A 30 8.36 -35.44 26.62
C ASP A 30 8.33 -35.03 25.16
N VAL A 31 7.23 -35.35 24.49
CA VAL A 31 7.09 -35.13 23.06
C VAL A 31 6.51 -33.74 22.81
N VAL A 32 7.23 -32.93 22.04
CA VAL A 32 6.81 -31.59 21.68
C VAL A 32 6.74 -31.47 20.17
N TYR A 33 5.97 -30.49 19.70
CA TYR A 33 5.82 -30.21 18.28
C TYR A 33 6.52 -28.89 17.97
N ARG A 34 7.77 -28.98 17.52
CA ARG A 34 8.59 -27.80 17.29
C ARG A 34 8.95 -27.71 15.82
N ALA A 35 9.54 -26.58 15.46
CA ALA A 35 9.93 -26.31 14.08
C ALA A 35 11.43 -26.41 13.93
N PHE A 36 11.88 -27.18 12.96
CA PHE A 36 13.30 -27.47 12.78
C PHE A 36 13.74 -27.09 11.38
N ASP A 37 14.94 -26.54 11.28
CA ASP A 37 15.60 -26.30 10.00
C ASP A 37 16.57 -27.44 9.78
N ILE A 38 16.13 -28.49 9.09
CA ILE A 38 16.85 -29.74 9.00
C ILE A 38 17.33 -29.94 7.56
N TYR A 39 18.56 -30.43 7.41
CA TYR A 39 19.09 -30.82 6.11
C TYR A 39 19.89 -32.11 6.28
N ASN A 40 19.33 -33.21 5.78
CA ASN A 40 19.97 -34.51 5.86
C ASN A 40 20.10 -35.05 4.45
N ASP A 41 20.42 -36.34 4.34
CA ASP A 41 20.16 -37.05 3.11
C ASP A 41 18.81 -37.73 3.15
N LYS A 42 18.21 -37.79 4.35
CA LYS A 42 16.87 -38.32 4.49
C LYS A 42 15.81 -37.29 4.12
N VAL A 43 15.87 -36.10 4.75
CA VAL A 43 14.87 -35.06 4.55
C VAL A 43 15.57 -33.71 4.49
N ALA A 44 14.81 -32.69 4.11
CA ALA A 44 15.28 -31.32 4.12
C ALA A 44 14.10 -30.39 4.33
N GLY A 45 14.38 -29.14 4.64
CA GLY A 45 13.36 -28.11 4.71
C GLY A 45 13.28 -27.47 6.09
N PHE A 46 12.41 -26.49 6.18
CA PHE A 46 12.11 -25.75 7.41
C PHE A 46 10.67 -26.06 7.78
N ALA A 47 10.46 -27.15 8.50
CA ALA A 47 9.12 -27.67 8.75
C ALA A 47 8.94 -27.91 10.25
N LYS A 48 7.75 -28.38 10.61
CA LYS A 48 7.43 -28.75 11.98
C LYS A 48 7.44 -30.26 12.13
N PHE A 49 8.17 -30.75 13.13
CA PHE A 49 8.33 -32.17 13.37
C PHE A 49 8.04 -32.49 14.82
N LEU A 50 8.24 -33.75 15.19
CA LEU A 50 8.14 -34.18 16.57
C LEU A 50 9.54 -34.35 17.16
N LYS A 51 9.77 -33.73 18.31
CA LYS A 51 11.02 -33.90 19.05
C LYS A 51 10.76 -34.85 20.19
N THR A 52 11.39 -36.02 20.16
CA THR A 52 11.07 -37.12 21.07
C THR A 52 12.23 -37.55 21.94
N ASN A 53 13.38 -36.92 21.84
CA ASN A 53 14.57 -37.36 22.55
C ASN A 53 14.95 -36.48 23.72
N CYS A 54 14.00 -35.76 24.31
CA CYS A 54 14.31 -34.83 25.38
C CYS A 54 13.32 -34.96 26.53
N CYS A 55 13.84 -34.83 27.75
CA CYS A 55 13.04 -34.68 28.95
C CYS A 55 13.09 -33.22 29.36
N ARG A 56 11.92 -32.64 29.63
CA ARG A 56 11.82 -31.22 29.94
C ARG A 56 11.39 -31.04 31.39
N PHE A 57 12.04 -30.09 32.06
CA PHE A 57 11.73 -29.76 33.45
C PHE A 57 11.60 -28.26 33.58
N GLN A 58 10.49 -27.80 34.16
CA GLN A 58 10.24 -26.35 34.36
C GLN A 58 10.76 -25.94 35.74
N GLU A 59 11.36 -24.75 35.84
CA GLU A 59 11.94 -24.26 37.13
C GLU A 59 10.95 -23.31 37.82
N LYS A 60 10.57 -23.63 39.05
CA LYS A 60 9.62 -22.82 39.86
C LYS A 60 10.32 -21.56 40.39
N ASP A 61 9.51 -20.53 40.69
CA ASP A 61 10.00 -19.24 41.26
C ASP A 61 10.05 -19.34 42.79
N GLU A 62 10.40 -18.24 43.46
CA GLU A 62 10.51 -18.19 44.95
C GLU A 62 9.15 -18.48 45.59
N ASP A 63 8.07 -18.00 44.97
CA ASP A 63 6.68 -18.17 45.50
C ASP A 63 6.03 -19.44 44.93
N ASP A 64 6.81 -20.27 44.22
CA ASP A 64 6.38 -21.56 43.59
C ASP A 64 5.49 -21.28 42.37
N ASN A 65 5.92 -20.32 41.54
CA ASN A 65 5.22 -19.97 40.31
C ASN A 65 6.12 -20.33 39.12
N LEU A 66 5.51 -20.80 38.04
CA LEU A 66 6.29 -21.28 36.91
C LEU A 66 6.84 -20.11 36.09
N ILE A 67 8.12 -20.22 35.73
CA ILE A 67 8.82 -19.21 34.95
C ILE A 67 9.25 -19.81 33.62
N ASP A 68 9.90 -18.97 32.81
CA ASP A 68 10.20 -19.34 31.43
C ASP A 68 11.37 -20.32 31.33
N SER A 69 12.21 -20.34 32.37
CA SER A 69 13.42 -21.19 32.41
C SER A 69 13.04 -22.67 32.38
N TYR A 70 13.76 -23.45 31.57
CA TYR A 70 13.51 -24.91 31.45
C TYR A 70 14.84 -25.66 31.47
N PHE A 71 14.81 -26.90 31.96
CA PHE A 71 15.96 -27.79 31.97
C PHE A 71 15.67 -28.92 30.99
N VAL A 72 16.49 -29.02 29.93
CA VAL A 72 16.25 -29.93 28.83
C VAL A 72 17.28 -31.04 28.90
N VAL A 73 16.83 -32.26 29.18
CA VAL A 73 17.69 -33.42 29.32
C VAL A 73 17.53 -34.31 28.10
N LYS A 74 18.60 -34.47 27.33
CA LYS A 74 18.58 -35.16 26.05
C LYS A 74 19.38 -36.46 26.15
N ARG A 75 18.79 -37.58 25.78
CA ARG A 75 19.46 -38.86 25.74
C ARG A 75 19.50 -39.38 24.30
N HIS A 76 20.71 -39.51 23.74
CA HIS A 76 20.78 -40.07 22.40
C HIS A 76 21.57 -41.36 22.33
N THR A 77 22.86 -41.30 22.65
CA THR A 77 23.80 -42.42 22.50
C THR A 77 24.99 -42.19 23.41
N PHE A 78 26.02 -43.00 23.22
CA PHE A 78 27.26 -42.80 23.96
C PHE A 78 28.26 -41.98 23.15
N SER A 79 28.30 -42.21 21.84
CA SER A 79 29.28 -41.52 20.99
C SER A 79 28.95 -40.03 20.84
N ASN A 80 27.66 -39.71 20.68
CA ASN A 80 27.23 -38.32 20.65
C ASN A 80 27.45 -37.66 22.01
N TYR A 81 27.32 -38.43 23.09
CA TYR A 81 27.56 -37.93 24.45
C TYR A 81 29.00 -37.50 24.62
N GLN A 82 29.94 -38.39 24.27
CA GLN A 82 31.36 -38.09 24.42
C GLN A 82 31.79 -37.00 23.45
N HIS A 83 31.24 -36.99 22.24
CA HIS A 83 31.62 -35.98 21.25
C HIS A 83 31.13 -34.60 21.64
N GLU A 84 29.88 -34.51 22.15
CA GLU A 84 29.33 -33.24 22.57
C GLU A 84 30.04 -32.71 23.80
N GLU A 85 30.47 -33.60 24.69
CA GLU A 85 31.25 -33.15 25.84
C GLU A 85 32.62 -32.62 25.41
N THR A 86 33.23 -33.27 24.41
CA THR A 86 34.52 -32.81 23.90
C THR A 86 34.41 -31.45 23.22
N ILE A 87 33.31 -31.21 22.49
CA ILE A 87 33.12 -29.91 21.86
C ILE A 87 32.78 -28.84 22.91
N TYR A 88 31.99 -29.21 23.93
CA TYR A 88 31.58 -28.25 24.94
C TYR A 88 32.75 -27.79 25.79
N ASN A 89 33.71 -28.69 26.06
CA ASN A 89 34.88 -28.29 26.86
C ASN A 89 35.73 -27.26 26.14
N LEU A 90 35.74 -27.29 24.80
CA LEU A 90 36.37 -26.21 24.05
C LEU A 90 35.52 -24.95 24.07
N LEU A 91 34.19 -25.10 24.10
CA LEU A 91 33.30 -23.97 23.97
C LEU A 91 32.65 -23.51 25.28
N LYS A 92 33.15 -23.94 26.44
CA LYS A 92 32.40 -23.67 27.68
C LYS A 92 32.65 -22.26 28.20
N ASP A 93 33.73 -21.61 27.76
CA ASP A 93 34.05 -20.29 28.31
C ASP A 93 33.21 -19.20 27.64
N CYS A 94 32.59 -19.51 26.51
CA CYS A 94 31.81 -18.52 25.79
C CYS A 94 30.49 -18.25 26.53
N PRO A 95 30.12 -16.98 26.73
CA PRO A 95 28.83 -16.71 27.40
C PRO A 95 27.62 -16.98 26.53
N ALA A 96 27.81 -17.15 25.23
CA ALA A 96 26.69 -17.44 24.35
C ALA A 96 26.33 -18.92 24.37
N VAL A 97 27.14 -19.75 25.03
CA VAL A 97 26.83 -21.17 25.10
C VAL A 97 26.04 -21.44 26.37
N ALA A 98 24.91 -22.13 26.21
CA ALA A 98 24.13 -22.55 27.38
C ALA A 98 24.92 -23.58 28.19
N LYS A 99 24.71 -23.55 29.49
CA LYS A 99 25.48 -24.41 30.38
C LYS A 99 24.99 -25.85 30.31
N HIS A 100 25.91 -26.76 30.02
CA HIS A 100 25.60 -28.17 29.81
C HIS A 100 26.03 -28.95 31.04
N ASP A 101 25.29 -30.01 31.35
CA ASP A 101 25.62 -30.92 32.44
C ASP A 101 25.52 -32.34 31.93
N PHE A 102 26.63 -33.07 31.99
CA PHE A 102 26.71 -34.43 31.47
C PHE A 102 26.75 -35.41 32.63
N PHE A 103 25.86 -36.40 32.59
CA PHE A 103 25.81 -37.42 33.62
C PHE A 103 25.21 -38.68 33.05
N LYS A 104 25.17 -39.73 33.88
CA LYS A 104 24.54 -41.00 33.54
C LYS A 104 23.60 -41.39 34.67
N PHE A 105 22.47 -41.99 34.30
CA PHE A 105 21.45 -42.40 35.25
C PHE A 105 20.93 -43.77 34.86
N ARG A 106 20.66 -44.61 35.85
CA ARG A 106 20.29 -46.01 35.62
C ARG A 106 18.78 -46.11 35.47
N ILE A 107 18.31 -46.41 34.26
CA ILE A 107 16.90 -46.67 34.01
C ILE A 107 16.63 -48.13 33.69
N ASP A 108 17.67 -48.92 33.46
CA ASP A 108 17.51 -50.34 33.16
C ASP A 108 17.70 -51.19 34.41
N MET A 111 22.50 -47.94 32.41
CA MET A 111 23.01 -46.61 32.71
C MET A 111 23.12 -45.76 31.45
N VAL A 112 21.98 -45.28 30.99
CA VAL A 112 21.93 -44.42 29.80
C VAL A 112 22.57 -43.08 30.10
N PRO A 113 23.38 -42.51 29.20
CA PRO A 113 23.95 -41.19 29.46
C PRO A 113 22.99 -40.07 29.07
N HIS A 114 23.10 -38.96 29.77
CA HIS A 114 22.21 -37.82 29.60
C HIS A 114 23.02 -36.55 29.37
N ILE A 115 22.45 -35.65 28.58
CA ILE A 115 22.97 -34.29 28.42
C ILE A 115 21.90 -33.33 28.89
N SER A 116 22.20 -32.58 29.96
CA SER A 116 21.25 -31.67 30.57
C SER A 116 21.63 -30.24 30.24
N ARG A 117 20.73 -29.54 29.56
CA ARG A 117 20.91 -28.13 29.22
C ARG A 117 20.10 -27.30 30.19
N GLN A 118 20.72 -26.23 30.71
CA GLN A 118 20.21 -25.53 31.87
C GLN A 118 19.66 -24.16 31.51
N ARG A 119 18.43 -23.89 31.98
CA ARG A 119 17.76 -22.59 31.90
C ARG A 119 17.54 -22.14 30.46
N LEU A 120 17.02 -23.06 29.65
CA LEU A 120 16.56 -22.69 28.32
C LEU A 120 15.15 -22.15 28.38
N THR A 121 14.76 -21.39 27.37
CA THR A 121 13.39 -20.97 27.23
C THR A 121 12.55 -22.11 26.67
N LYS A 122 11.24 -21.89 26.59
CA LYS A 122 10.35 -22.92 26.08
C LYS A 122 10.50 -23.09 24.58
N TYR A 123 10.60 -21.99 23.84
CA TYR A 123 10.67 -22.02 22.39
C TYR A 123 12.05 -21.58 21.93
N THR A 124 12.48 -22.13 20.80
CA THR A 124 13.75 -21.70 20.21
C THR A 124 13.51 -20.52 19.28
N MET A 125 14.57 -20.10 18.58
CA MET A 125 14.43 -19.03 17.62
C MET A 125 13.71 -19.50 16.36
N ALA A 126 13.79 -20.79 16.06
CA ALA A 126 13.13 -21.31 14.87
C ALA A 126 11.63 -21.37 15.06
N ASP A 127 11.17 -21.50 16.31
CA ASP A 127 9.73 -21.45 16.57
C ASP A 127 9.18 -20.06 16.31
N LEU A 128 9.93 -19.01 16.69
CA LEU A 128 9.52 -17.65 16.40
C LEU A 128 9.55 -17.35 14.91
N VAL A 129 10.62 -17.77 14.23
CA VAL A 129 10.75 -17.55 12.79
C VAL A 129 9.67 -18.30 12.02
N TYR A 130 9.33 -19.51 12.46
CA TYR A 130 8.30 -20.29 11.79
C TYR A 130 6.92 -19.73 12.07
N ALA A 131 6.70 -19.19 13.27
CA ALA A 131 5.40 -18.64 13.61
C ALA A 131 5.14 -17.35 12.85
N LEU A 132 6.19 -16.57 12.59
CA LEU A 132 5.97 -15.34 11.85
C LEU A 132 6.04 -15.55 10.34
N ARG A 133 6.66 -16.65 9.88
CA ARG A 133 6.81 -16.85 8.45
C ARG A 133 5.78 -17.82 7.89
N HIS A 134 5.04 -18.48 8.77
CA HIS A 134 3.97 -19.37 8.36
C HIS A 134 2.68 -19.04 9.10
N PHE A 135 2.29 -17.77 9.10
CA PHE A 135 1.25 -17.30 10.00
C PHE A 135 -0.12 -17.79 9.58
N ASP A 136 -0.91 -18.21 10.55
CA ASP A 136 -2.27 -18.65 10.33
C ASP A 136 -3.14 -18.12 11.46
N GLU A 137 -4.22 -17.41 11.10
CA GLU A 137 -5.19 -16.91 12.11
C GLU A 137 -5.97 -18.12 12.64
N GLY A 138 -6.07 -18.25 13.95
CA GLY A 138 -6.76 -19.39 14.60
C GLY A 138 -5.84 -20.57 14.86
N ASN A 139 -4.61 -20.51 14.34
CA ASN A 139 -3.56 -21.54 14.53
C ASN A 139 -2.25 -20.82 14.88
N CYS A 140 -2.36 -19.72 15.63
CA CYS A 140 -1.19 -18.90 16.03
C CYS A 140 -0.97 -19.00 17.55
N ASP A 141 -1.29 -20.14 18.13
CA ASP A 141 -1.14 -20.35 19.60
C ASP A 141 0.33 -20.18 19.99
N THR A 142 1.26 -20.71 19.19
CA THR A 142 2.71 -20.57 19.50
C THR A 142 3.09 -19.09 19.48
N LEU A 143 2.63 -18.35 18.48
CA LEU A 143 2.94 -16.89 18.38
C LEU A 143 2.34 -16.15 19.57
N LYS A 144 1.11 -16.50 19.95
CA LYS A 144 0.42 -15.84 21.09
C LYS A 144 1.20 -16.10 22.39
N GLU A 145 1.66 -17.33 22.59
CA GLU A 145 2.40 -17.67 23.81
C GLU A 145 3.74 -16.94 23.87
N ILE A 146 4.39 -16.77 22.72
CA ILE A 146 5.63 -15.99 22.66
C ILE A 146 5.36 -14.53 22.97
N LEU A 147 4.24 -13.99 22.49
CA LEU A 147 3.95 -12.57 22.69
C LEU A 147 3.57 -12.28 24.14
N VAL A 148 2.84 -13.19 24.79
CA VAL A 148 2.46 -12.93 26.18
C VAL A 148 3.57 -13.34 27.14
N THR A 149 4.50 -14.18 26.70
CA THR A 149 5.58 -14.60 27.60
C THR A 149 6.62 -13.50 27.76
N TYR A 150 7.05 -12.89 26.67
CA TYR A 150 8.09 -11.88 26.72
C TYR A 150 7.55 -10.46 26.76
N ASN A 151 6.36 -10.28 27.34
CA ASN A 151 5.79 -8.97 27.72
C ASN A 151 5.60 -8.04 26.53
N CYS A 152 5.26 -8.59 25.37
CA CYS A 152 4.97 -7.74 24.23
C CYS A 152 3.54 -7.20 24.30
N CYS A 153 2.64 -7.98 24.88
CA CYS A 153 1.25 -7.59 25.02
C CYS A 153 0.62 -8.47 26.09
N ASP A 154 -0.52 -8.03 26.60
CA ASP A 154 -1.26 -8.83 27.56
C ASP A 154 -2.06 -9.91 26.82
N ASP A 155 -2.64 -10.83 27.60
CA ASP A 155 -3.36 -11.94 27.01
C ASP A 155 -4.71 -11.52 26.45
N ASP A 156 -5.23 -10.37 26.89
CA ASP A 156 -6.50 -9.87 26.37
C ASP A 156 -6.32 -9.03 25.12
N TYR A 157 -5.10 -8.91 24.59
CA TYR A 157 -4.90 -8.19 23.35
C TYR A 157 -5.51 -8.95 22.18
N PHE A 158 -5.59 -10.27 22.28
CA PHE A 158 -6.12 -11.07 21.18
C PHE A 158 -7.63 -11.18 21.23
N ASN A 159 -8.28 -10.52 22.19
CA ASN A 159 -9.73 -10.44 22.18
C ASN A 159 -10.21 -9.41 21.18
N LYS A 160 -9.41 -8.37 20.94
CA LYS A 160 -9.66 -7.45 19.84
C LYS A 160 -9.51 -8.19 18.52
N LYS A 161 -10.55 -8.13 17.69
CA LYS A 161 -10.47 -8.83 16.43
C LYS A 161 -9.72 -7.98 15.41
N ASP A 162 -9.21 -8.65 14.37
CA ASP A 162 -8.22 -8.10 13.42
C ASP A 162 -6.99 -7.60 14.16
N TRP A 163 -6.55 -8.33 15.19
CA TRP A 163 -5.40 -7.90 15.97
C TRP A 163 -4.11 -8.11 15.18
N TYR A 164 -4.08 -9.11 14.32
CA TYR A 164 -2.87 -9.43 13.57
C TYR A 164 -2.76 -8.57 12.32
N ASP A 165 -3.86 -7.94 11.91
CA ASP A 165 -3.93 -7.25 10.63
C ASP A 165 -3.09 -5.99 10.66
N PHE A 166 -2.20 -5.85 9.67
CA PHE A 166 -1.35 -4.66 9.60
C PHE A 166 -2.15 -3.43 9.20
N VAL A 167 -3.24 -3.62 8.45
CA VAL A 167 -4.01 -2.49 7.94
C VAL A 167 -5.09 -2.10 8.95
N GLU A 168 -5.82 -3.10 9.47
CA GLU A 168 -6.90 -2.81 10.40
C GLU A 168 -6.38 -2.41 11.77
N ASN A 169 -5.18 -2.85 12.12
CA ASN A 169 -4.60 -2.58 13.44
C ASN A 169 -3.11 -2.33 13.33
N PRO A 170 -2.66 -1.09 13.09
CA PRO A 170 -1.22 -0.83 13.06
C PRO A 170 -0.51 -0.85 14.42
N ASP A 171 -1.21 -1.13 15.51
CA ASP A 171 -0.59 -1.32 16.82
C ASP A 171 0.16 -2.65 16.92
N ILE A 172 -0.12 -3.58 16.00
CA ILE A 172 0.59 -4.85 15.97
C ILE A 172 2.05 -4.64 15.57
N LEU A 173 2.37 -3.52 14.92
CA LEU A 173 3.76 -3.19 14.63
C LEU A 173 4.52 -2.84 15.91
N ARG A 174 3.87 -2.16 16.85
CA ARG A 174 4.48 -1.89 18.15
C ARG A 174 4.60 -3.17 18.97
N VAL A 175 3.57 -4.01 18.91
CA VAL A 175 3.59 -5.30 19.61
C VAL A 175 4.74 -6.17 19.10
N TYR A 176 4.94 -6.21 17.78
CA TYR A 176 6.06 -6.97 17.22
C TYR A 176 7.40 -6.29 17.49
N ALA A 177 7.42 -4.97 17.59
CA ALA A 177 8.66 -4.27 17.90
C ALA A 177 9.10 -4.49 19.33
N ASN A 178 8.21 -4.96 20.18
CA ASN A 178 8.61 -5.36 21.53
C ASN A 178 9.49 -6.62 21.55
N LEU A 179 9.64 -7.31 20.42
CA LEU A 179 10.52 -8.49 20.34
C LEU A 179 11.90 -8.16 19.80
N GLY A 180 12.10 -6.94 19.30
CA GLY A 180 13.29 -6.62 18.53
C GLY A 180 14.56 -6.61 19.36
N GLU A 181 14.44 -6.30 20.64
CA GLU A 181 15.62 -6.28 21.50
C GLU A 181 16.11 -7.70 21.79
N ARG A 182 15.18 -8.64 21.98
CA ARG A 182 15.56 -10.03 22.14
C ARG A 182 16.18 -10.59 20.86
N VAL A 183 15.66 -10.18 19.70
CA VAL A 183 16.25 -10.63 18.44
C VAL A 183 17.65 -10.05 18.24
N ARG A 184 17.85 -8.79 18.64
CA ARG A 184 19.18 -8.18 18.53
C ARG A 184 20.18 -8.82 19.49
N GLN A 185 19.72 -9.22 20.68
CA GLN A 185 20.60 -9.92 21.61
C GLN A 185 20.96 -11.31 21.09
N ALA A 186 20.02 -11.97 20.42
CA ALA A 186 20.32 -13.26 19.80
C ALA A 186 21.33 -13.11 18.66
N LEU A 187 21.27 -11.98 17.94
CA LEU A 187 22.25 -11.71 16.89
C LEU A 187 23.65 -11.51 17.45
N LEU A 188 23.76 -10.71 18.52
CA LEU A 188 25.05 -10.48 19.17
C LEU A 188 25.61 -11.77 19.76
N LYS A 189 24.76 -12.62 20.30
CA LYS A 189 25.23 -13.88 20.87
C LYS A 189 25.63 -14.86 19.78
N THR A 190 24.98 -14.79 18.61
CA THR A 190 25.41 -15.61 17.48
C THR A 190 26.80 -15.20 16.99
N VAL A 191 27.08 -13.89 16.96
CA VAL A 191 28.41 -13.43 16.56
C VAL A 191 29.46 -13.87 17.59
N GLN A 192 29.12 -13.82 18.88
CA GLN A 192 30.01 -14.32 19.92
C GLN A 192 30.28 -15.81 19.80
N PHE A 193 29.24 -16.59 19.48
CA PHE A 193 29.38 -18.03 19.31
C PHE A 193 30.24 -18.37 18.10
N CYS A 194 30.10 -17.58 17.04
CA CYS A 194 30.92 -17.81 15.84
C CYS A 194 32.38 -17.48 16.10
N ASP A 195 32.63 -16.42 16.88
CA ASP A 195 34.01 -16.10 17.27
C ASP A 195 34.61 -17.20 18.14
N ALA A 196 33.80 -17.75 19.05
CA ALA A 196 34.28 -18.83 19.90
C ALA A 196 34.52 -20.11 19.11
N MET A 197 33.74 -20.33 18.04
CA MET A 197 33.97 -21.51 17.21
C MET A 197 35.20 -21.34 16.32
N ARG A 198 35.47 -20.11 15.89
CA ARG A 198 36.63 -19.88 15.03
C ARG A 198 37.93 -19.94 15.84
N ASN A 199 37.93 -19.39 17.06
CA ASN A 199 39.14 -19.40 17.85
C ASN A 199 39.46 -20.79 18.39
N ALA A 200 38.45 -21.64 18.53
CA ALA A 200 38.66 -22.99 19.02
C ALA A 200 38.82 -24.01 17.90
N GLY A 201 38.68 -23.60 16.65
CA GLY A 201 38.81 -24.53 15.53
C GLY A 201 37.71 -25.56 15.44
N ILE A 202 36.48 -25.11 15.24
CA ILE A 202 35.31 -26.00 15.20
C ILE A 202 34.52 -25.66 13.94
N VAL A 203 34.15 -26.68 13.17
CA VAL A 203 33.41 -26.53 11.93
C VAL A 203 32.03 -27.11 12.13
N GLY A 204 31.00 -26.33 11.79
CA GLY A 204 29.63 -26.80 11.88
C GLY A 204 28.68 -25.76 11.34
N VAL A 205 27.46 -26.20 11.06
CA VAL A 205 26.42 -25.33 10.54
C VAL A 205 25.63 -24.78 11.72
N LEU A 206 25.21 -23.53 11.63
CA LEU A 206 24.34 -22.97 12.63
C LEU A 206 22.90 -22.98 12.14
N THR A 207 22.01 -23.54 12.94
CA THR A 207 20.61 -23.59 12.61
C THR A 207 19.82 -22.83 13.66
N LEU A 208 18.58 -22.52 13.35
CA LEU A 208 17.81 -21.62 14.22
C LEU A 208 17.18 -22.39 15.38
N ASP A 209 17.05 -23.70 15.27
CA ASP A 209 16.40 -24.47 16.34
C ASP A 209 17.39 -24.86 17.42
N ASN A 210 18.65 -24.48 17.28
CA ASN A 210 19.63 -24.79 18.30
C ASN A 210 19.95 -23.58 19.16
N GLN A 211 19.25 -22.48 18.91
CA GLN A 211 19.38 -21.29 19.73
C GLN A 211 18.03 -20.94 20.34
N ASP A 212 17.99 -20.74 21.66
CA ASP A 212 16.73 -20.44 22.30
C ASP A 212 16.44 -18.94 22.22
N LEU A 213 15.33 -18.52 22.80
CA LEU A 213 14.92 -17.13 22.69
C LEU A 213 15.67 -16.25 23.68
N ASN A 214 16.47 -16.84 24.56
CA ASN A 214 17.41 -16.08 25.38
C ASN A 214 18.66 -15.75 24.60
N GLY A 215 18.97 -16.52 23.56
CA GLY A 215 20.14 -16.31 22.74
C GLY A 215 21.22 -17.35 22.89
N ASN A 216 21.00 -18.39 23.68
CA ASN A 216 22.06 -19.33 24.00
C ASN A 216 22.04 -20.54 23.07
N TRP A 217 23.22 -21.04 22.75
CA TRP A 217 23.43 -22.12 21.81
C TRP A 217 23.70 -23.42 22.55
N TYR A 218 23.14 -24.53 22.08
CA TYR A 218 23.22 -25.74 22.88
C TYR A 218 23.39 -27.07 22.16
N ASP A 219 23.55 -27.12 20.85
CA ASP A 219 23.68 -28.42 20.18
C ASP A 219 24.99 -28.49 19.41
N PHE A 220 25.74 -29.56 19.65
CA PHE A 220 27.07 -29.75 19.06
C PHE A 220 27.23 -31.12 18.41
N GLY A 221 26.13 -31.81 18.11
CA GLY A 221 26.23 -33.18 17.63
C GLY A 221 26.79 -33.28 16.21
N ASP A 222 26.58 -32.25 15.41
CA ASP A 222 27.11 -32.22 14.06
C ASP A 222 28.37 -31.38 13.93
N PHE A 223 28.97 -30.98 15.04
CA PHE A 223 30.18 -30.19 15.00
C PHE A 223 31.39 -31.12 14.93
N ILE A 224 32.41 -30.74 14.17
CA ILE A 224 33.64 -31.51 14.09
C ILE A 224 34.80 -30.58 14.45
N GLN A 225 35.85 -31.16 15.00
CA GLN A 225 37.00 -30.38 15.42
C GLN A 225 38.04 -30.31 14.31
N THR A 226 38.76 -29.20 14.27
CA THR A 226 39.87 -29.02 13.34
C THR A 226 40.99 -28.31 14.08
N THR A 227 41.98 -27.84 13.32
CA THR A 227 43.07 -27.08 13.91
C THR A 227 42.56 -25.74 14.44
N PRO A 228 42.98 -25.33 15.63
CA PRO A 228 42.44 -24.10 16.22
C PRO A 228 42.97 -22.84 15.52
N GLY A 229 42.14 -21.80 15.55
CA GLY A 229 42.41 -20.59 14.79
C GLY A 229 41.82 -20.59 13.40
N SER A 230 41.38 -21.73 12.89
CA SER A 230 40.83 -21.82 11.55
C SER A 230 39.50 -22.55 11.50
N GLY A 231 38.63 -22.33 12.48
CA GLY A 231 37.29 -22.91 12.40
C GLY A 231 36.40 -22.08 11.50
N VAL A 232 35.42 -22.75 10.88
CA VAL A 232 34.50 -22.10 9.95
C VAL A 232 33.07 -22.39 10.40
N PRO A 233 32.31 -21.39 10.81
CA PRO A 233 30.86 -21.60 10.99
C PRO A 233 30.08 -21.30 9.73
N VAL A 234 29.05 -22.10 9.46
CA VAL A 234 28.18 -21.91 8.30
C VAL A 234 26.90 -21.28 8.78
N VAL A 235 26.60 -20.07 8.30
CA VAL A 235 25.51 -19.26 8.82
C VAL A 235 24.56 -18.79 7.74
N ASP A 236 24.48 -19.49 6.61
CA ASP A 236 23.62 -19.02 5.52
C ASP A 236 22.15 -19.27 5.82
N SER A 237 21.82 -20.50 6.25
CA SER A 237 20.45 -20.85 6.59
C SER A 237 19.94 -20.05 7.78
N TYR A 238 20.81 -19.80 8.77
CA TYR A 238 20.46 -19.04 9.96
C TYR A 238 20.02 -17.63 9.62
N TYR A 239 20.94 -16.84 9.05
CA TYR A 239 20.66 -15.45 8.75
C TYR A 239 19.61 -15.30 7.67
N SER A 240 19.59 -16.21 6.69
CA SER A 240 18.66 -16.08 5.59
C SER A 240 17.24 -16.37 6.03
N LEU A 241 17.04 -17.38 6.87
CA LEU A 241 15.71 -17.65 7.39
C LEU A 241 15.28 -16.59 8.40
N LEU A 242 16.25 -15.95 9.06
CA LEU A 242 15.95 -14.94 10.06
C LEU A 242 15.68 -13.55 9.49
N MET A 243 16.07 -13.29 8.23
CA MET A 243 16.04 -11.94 7.68
C MET A 243 14.68 -11.20 7.64
N PRO A 244 13.51 -11.83 7.43
CA PRO A 244 12.26 -11.03 7.55
C PRO A 244 11.94 -10.56 8.96
N ILE A 245 12.39 -11.29 9.97
CA ILE A 245 12.08 -10.95 11.36
C ILE A 245 12.84 -9.71 11.80
N LEU A 246 13.94 -9.40 11.12
CA LEU A 246 14.78 -8.27 11.52
C LEU A 246 14.11 -6.94 11.23
N THR A 247 13.25 -6.90 10.21
CA THR A 247 12.49 -5.69 9.96
C THR A 247 11.05 -5.82 10.44
N LEU A 248 10.57 -7.03 10.69
CA LEU A 248 9.25 -7.14 11.30
C LEU A 248 9.29 -6.75 12.78
N THR A 249 10.30 -7.22 13.50
CA THR A 249 10.44 -6.87 14.90
C THR A 249 11.24 -5.59 15.11
N ARG A 250 11.79 -5.00 14.05
CA ARG A 250 12.64 -3.81 14.09
C ARG A 250 13.80 -3.99 15.06
N ALA A 251 14.65 -4.96 14.75
CA ALA A 251 15.66 -5.43 15.69
C ALA A 251 16.80 -4.43 15.88
N LEU A 252 17.06 -3.58 14.89
CA LEU A 252 18.15 -2.62 14.97
C LEU A 252 17.68 -1.24 15.43
N THR A 253 16.59 -1.18 16.18
CA THR A 253 16.08 0.10 16.66
C THR A 253 17.03 0.72 17.70
N ALA A 254 17.68 -0.13 18.50
CA ALA A 254 18.59 0.35 19.53
C ALA A 254 19.87 0.96 18.96
N GLU A 255 20.16 0.71 17.69
CA GLU A 255 21.34 1.30 17.05
C GLU A 255 21.16 2.78 16.80
N SER A 256 19.93 3.29 16.84
CA SER A 256 19.71 4.72 16.66
C SER A 256 20.10 5.51 17.89
N HIS A 257 20.13 4.85 19.05
CA HIS A 257 20.39 5.53 20.30
C HIS A 257 21.88 5.63 20.58
N VAL A 258 22.22 6.47 21.58
CA VAL A 258 23.61 6.64 21.97
C VAL A 258 24.07 5.40 22.73
N ASP A 259 25.25 4.89 22.37
CA ASP A 259 25.91 3.73 23.00
C ASP A 259 25.12 2.44 22.85
N THR A 260 24.20 2.41 21.88
CA THR A 260 23.22 1.34 21.67
C THR A 260 22.49 0.98 22.97
N ASP A 261 21.80 1.96 23.52
CA ASP A 261 21.16 1.86 24.83
C ASP A 261 19.75 2.42 24.70
N LEU A 262 18.74 1.59 24.92
CA LEU A 262 17.36 1.99 24.68
C LEU A 262 16.89 3.02 25.70
N THR A 263 17.57 3.13 26.85
CA THR A 263 17.22 4.15 27.82
C THR A 263 17.84 5.49 27.46
N LYS A 264 18.97 5.46 26.75
CA LYS A 264 19.67 6.67 26.36
C LYS A 264 18.91 7.38 25.22
N PRO A 265 19.18 8.67 25.00
CA PRO A 265 18.51 9.36 23.89
C PRO A 265 19.04 8.97 22.53
N TYR A 266 18.50 9.62 21.51
CA TYR A 266 18.88 9.33 20.13
C TYR A 266 20.22 9.96 19.78
N ILE A 267 20.89 9.38 18.79
CA ILE A 267 22.08 10.01 18.24
C ILE A 267 21.64 11.20 17.39
N LYS A 268 22.16 12.37 17.72
CA LYS A 268 21.89 13.58 16.93
C LYS A 268 22.95 13.61 15.83
N TRP A 269 22.60 13.07 14.66
CA TRP A 269 23.50 13.06 13.53
C TRP A 269 23.68 14.46 12.98
N ASP A 270 24.74 14.64 12.21
CA ASP A 270 24.91 15.88 11.46
C ASP A 270 23.86 15.96 10.36
N LEU A 271 23.32 17.17 10.15
CA LEU A 271 22.29 17.34 9.14
C LEU A 271 22.88 17.27 7.74
N LEU A 272 24.14 17.69 7.59
CA LEU A 272 24.77 17.74 6.28
C LEU A 272 25.36 16.39 5.91
N LYS A 273 25.29 15.41 6.81
CA LYS A 273 25.90 14.11 6.58
C LYS A 273 24.98 13.24 5.71
N TYR A 274 25.55 12.61 4.68
CA TYR A 274 24.74 11.78 3.81
C TYR A 274 25.37 10.42 3.52
N ASP A 275 26.65 10.24 3.82
CA ASP A 275 27.37 9.10 3.28
C ASP A 275 27.00 7.80 4.01
N PHE A 276 27.33 7.72 5.30
CA PHE A 276 26.98 6.59 6.19
C PHE A 276 27.55 5.25 5.72
N THR A 277 28.60 5.30 4.91
CA THR A 277 29.24 4.09 4.37
C THR A 277 29.96 3.30 5.46
N GLU A 278 30.78 3.99 6.26
CA GLU A 278 31.50 3.34 7.35
C GLU A 278 30.55 2.85 8.44
N GLU A 279 29.43 3.55 8.65
CA GLU A 279 28.44 3.08 9.60
C GLU A 279 27.74 1.82 9.12
N ARG A 280 27.48 1.74 7.81
CA ARG A 280 26.92 0.53 7.21
C ARG A 280 27.90 -0.64 7.34
N LEU A 281 29.19 -0.37 7.14
CA LEU A 281 30.19 -1.42 7.31
C LEU A 281 30.33 -1.85 8.76
N LYS A 282 30.21 -0.91 9.69
CA LYS A 282 30.29 -1.24 11.11
C LYS A 282 29.08 -2.07 11.54
N LEU A 283 27.90 -1.76 11.01
CA LEU A 283 26.72 -2.56 11.29
C LEU A 283 26.83 -3.95 10.71
N PHE A 284 27.38 -4.07 9.50
CA PHE A 284 27.55 -5.38 8.87
C PHE A 284 28.57 -6.22 9.62
N ASP A 285 29.63 -5.59 10.13
CA ASP A 285 30.63 -6.33 10.89
C ASP A 285 30.13 -6.66 12.29
N ARG A 286 29.24 -5.85 12.82
CA ARG A 286 28.71 -6.13 14.16
C ARG A 286 27.71 -7.27 14.14
N TYR A 287 26.79 -7.28 13.18
CA TYR A 287 25.69 -8.23 13.24
C TYR A 287 25.77 -9.39 12.27
N PHE A 288 26.55 -9.28 11.20
CA PHE A 288 26.65 -10.31 10.16
C PHE A 288 28.09 -10.56 9.80
N LYS A 289 28.93 -10.80 10.82
CA LYS A 289 30.37 -10.83 10.62
C LYS A 289 30.81 -12.05 9.81
N TYR A 290 30.11 -13.17 9.95
CA TYR A 290 30.54 -14.42 9.34
C TYR A 290 29.70 -14.79 8.13
N TRP A 291 28.81 -13.91 7.70
CA TRP A 291 28.20 -14.01 6.38
C TRP A 291 29.27 -13.87 5.33
N ASP A 292 29.32 -14.84 4.40
CA ASP A 292 30.54 -15.04 3.60
C ASP A 292 30.58 -14.12 2.39
N GLN A 293 29.42 -13.75 1.86
CA GLN A 293 29.40 -12.96 0.63
C GLN A 293 29.79 -11.52 0.91
N THR A 294 30.53 -10.94 -0.03
CA THR A 294 30.95 -9.53 0.05
C THR A 294 29.75 -8.60 0.03
N TYR A 295 29.76 -7.63 0.94
CA TYR A 295 28.72 -6.62 1.03
C TYR A 295 29.26 -5.29 0.56
N HIS A 296 28.62 -4.71 -0.45
CA HIS A 296 28.93 -3.35 -0.87
C HIS A 296 27.90 -2.41 -0.29
N PRO A 297 28.30 -1.38 0.47
CA PRO A 297 27.32 -0.44 0.99
C PRO A 297 26.70 0.42 -0.10
N ASN A 298 27.50 0.85 -1.07
CA ASN A 298 27.01 1.54 -2.25
C ASN A 298 26.92 0.51 -3.37
N CYS A 299 25.73 0.36 -3.94
CA CYS A 299 25.48 -0.67 -4.92
C CYS A 299 26.02 -0.34 -6.31
N VAL A 300 26.70 0.80 -6.47
CA VAL A 300 27.35 1.13 -7.73
C VAL A 300 28.59 0.28 -7.93
N ASN A 301 29.11 -0.33 -6.87
CA ASN A 301 30.27 -1.21 -6.92
C ASN A 301 29.90 -2.67 -7.02
N CYS A 302 28.64 -3.00 -7.29
CA CYS A 302 28.22 -4.38 -7.29
C CYS A 302 28.59 -5.05 -8.61
N LEU A 303 28.66 -6.39 -8.59
CA LEU A 303 29.23 -7.13 -9.71
C LEU A 303 28.19 -7.40 -10.78
N ASP A 304 27.00 -7.84 -10.38
CA ASP A 304 25.91 -8.06 -11.32
C ASP A 304 24.60 -7.74 -10.59
N ASP A 305 23.48 -8.18 -11.17
CA ASP A 305 22.18 -7.79 -10.63
C ASP A 305 21.82 -8.62 -9.40
N ARG A 306 22.34 -9.85 -9.33
CA ARG A 306 22.15 -10.65 -8.12
C ARG A 306 22.92 -10.06 -6.95
N CYS A 307 24.08 -9.48 -7.22
CA CYS A 307 24.83 -8.79 -6.19
C CYS A 307 24.12 -7.51 -5.76
N ILE A 308 23.43 -6.84 -6.70
CA ILE A 308 22.63 -5.67 -6.37
C ILE A 308 21.48 -6.06 -5.45
N LEU A 309 20.84 -7.20 -5.72
CA LEU A 309 19.77 -7.67 -4.84
C LEU A 309 20.29 -8.01 -3.45
N HIS A 310 21.43 -8.69 -3.40
CA HIS A 310 22.01 -9.12 -2.13
C HIS A 310 22.44 -7.93 -1.27
N CYS A 311 22.98 -6.88 -1.89
CA CYS A 311 23.45 -5.75 -1.09
C CYS A 311 22.35 -4.75 -0.80
N ALA A 312 21.41 -4.66 -1.73
CA ALA A 312 20.30 -3.77 -1.42
C ALA A 312 19.42 -4.33 -0.33
N ASN A 313 19.54 -5.63 -0.05
CA ASN A 313 18.79 -6.22 1.05
C ASN A 313 19.38 -5.83 2.39
N PHE A 314 20.70 -5.75 2.49
CA PHE A 314 21.30 -5.27 3.71
C PHE A 314 21.09 -3.77 3.89
N ASN A 315 20.93 -3.04 2.80
CA ASN A 315 20.76 -1.61 2.92
C ASN A 315 19.36 -1.22 3.38
N VAL A 316 18.34 -2.04 3.15
CA VAL A 316 17.03 -1.66 3.69
C VAL A 316 17.00 -1.89 5.20
N LEU A 317 17.86 -2.85 5.60
CA LEU A 317 17.91 -3.05 7.05
C LEU A 317 18.73 -1.96 7.71
N PHE A 318 19.86 -1.60 7.12
CA PHE A 318 20.74 -0.65 7.78
C PHE A 318 20.27 0.79 7.59
N SER A 319 19.34 1.04 6.67
CA SER A 319 18.87 2.41 6.48
C SER A 319 17.74 2.77 7.44
N THR A 320 17.29 1.82 8.25
CA THR A 320 16.29 2.16 9.27
C THR A 320 16.95 2.81 10.48
N VAL A 321 18.28 2.74 10.55
CA VAL A 321 19.03 3.34 11.65
C VAL A 321 19.27 4.83 11.39
N PHE A 322 19.45 5.20 10.13
CA PHE A 322 19.95 6.51 9.77
C PHE A 322 18.80 7.53 9.67
N PRO A 323 19.10 8.84 9.78
CA PRO A 323 18.01 9.82 9.78
C PRO A 323 17.42 10.00 8.40
N PRO A 324 16.11 10.27 8.31
CA PRO A 324 15.47 10.34 6.99
C PRO A 324 15.74 11.62 6.21
N THR A 325 16.46 12.58 6.77
CA THR A 325 16.78 13.79 6.00
C THR A 325 18.00 13.57 5.13
N SER A 326 18.70 12.46 5.31
CA SER A 326 19.91 12.23 4.53
C SER A 326 19.60 11.56 3.20
N PHE A 327 18.43 10.95 3.08
CA PHE A 327 18.09 10.23 1.88
C PHE A 327 17.45 11.17 0.86
N GLY A 328 17.48 10.74 -0.40
CA GLY A 328 16.96 11.54 -1.48
C GLY A 328 18.05 12.18 -2.29
N PRO A 329 17.70 13.24 -3.04
CA PRO A 329 18.69 13.88 -3.91
C PRO A 329 19.77 14.62 -3.11
N LEU A 330 21.00 14.53 -3.61
CA LEU A 330 22.12 15.28 -3.07
C LEU A 330 22.40 16.44 -4.00
N VAL A 331 22.37 17.66 -3.47
CA VAL A 331 22.37 18.86 -4.28
C VAL A 331 23.72 19.56 -4.13
N ARG A 332 24.07 20.37 -5.10
CA ARG A 332 25.34 21.09 -5.14
C ARG A 332 25.15 22.36 -5.95
N LYS A 333 25.65 23.47 -5.40
CA LYS A 333 25.53 24.79 -6.07
C LYS A 333 26.46 24.82 -7.29
N ILE A 334 25.95 25.28 -8.43
CA ILE A 334 26.75 25.39 -9.69
C ILE A 334 26.49 26.78 -10.27
N PHE A 335 27.41 27.29 -11.08
CA PHE A 335 27.22 28.65 -11.64
C PHE A 335 26.83 28.59 -13.11
N VAL A 336 25.69 29.19 -13.45
CA VAL A 336 25.24 29.29 -14.87
C VAL A 336 25.56 30.72 -15.29
N ASP A 337 26.45 30.88 -16.28
CA ASP A 337 26.87 32.21 -16.71
C ASP A 337 27.23 33.12 -15.54
N GLY A 338 27.77 32.56 -14.45
CA GLY A 338 28.02 33.33 -13.26
C GLY A 338 26.83 33.48 -12.34
N VAL A 339 25.63 33.19 -12.82
CA VAL A 339 24.41 33.18 -12.00
C VAL A 339 24.28 31.78 -11.41
N PRO A 340 24.14 31.66 -10.09
CA PRO A 340 24.27 30.35 -9.46
C PRO A 340 22.97 29.55 -9.46
N PHE A 341 23.10 28.23 -9.61
CA PHE A 341 21.97 27.31 -9.54
C PHE A 341 22.14 26.40 -8.34
N VAL A 342 21.09 25.64 -8.05
CA VAL A 342 21.14 24.52 -7.11
C VAL A 342 20.61 23.30 -7.84
N VAL A 343 21.50 22.45 -8.32
CA VAL A 343 21.10 21.28 -9.08
C VAL A 343 21.42 20.02 -8.29
N SER A 344 20.94 18.83 -8.74
CA SER A 344 21.20 17.54 -8.13
C SER A 344 22.39 16.89 -8.81
N THR A 345 23.44 16.63 -8.04
CA THR A 345 24.62 15.97 -8.56
C THR A 345 24.76 14.54 -8.06
N GLY A 346 23.71 13.98 -7.48
CA GLY A 346 23.76 12.62 -6.96
C GLY A 346 22.45 12.28 -6.33
N TYR A 347 22.45 11.14 -5.64
CA TYR A 347 21.27 10.64 -4.96
C TYR A 347 21.70 9.64 -3.89
N HIS A 348 21.08 9.72 -2.72
CA HIS A 348 21.33 8.78 -1.65
C HIS A 348 20.10 7.91 -1.46
N PHE A 349 20.23 6.64 -1.81
CA PHE A 349 19.12 5.70 -1.77
C PHE A 349 19.11 4.93 -0.47
N ARG A 350 17.92 4.54 -0.03
CA ARG A 350 17.83 3.57 1.07
C ARG A 350 18.32 2.20 0.63
N GLU A 351 18.15 1.88 -0.65
CA GLU A 351 18.44 0.55 -1.14
C GLU A 351 19.80 0.46 -1.82
N LEU A 352 20.18 1.49 -2.55
CA LEU A 352 21.37 1.42 -3.37
C LEU A 352 22.55 2.19 -2.80
N GLY A 353 22.38 2.85 -1.67
CA GLY A 353 23.45 3.67 -1.14
C GLY A 353 23.60 4.98 -1.90
N VAL A 354 24.79 5.53 -1.82
CA VAL A 354 25.09 6.80 -2.47
C VAL A 354 25.44 6.53 -3.93
N VAL A 355 24.81 7.28 -4.83
CA VAL A 355 25.12 7.25 -6.25
C VAL A 355 25.48 8.66 -6.66
N HIS A 356 26.60 8.82 -7.35
CA HIS A 356 27.05 10.13 -7.81
C HIS A 356 26.92 10.21 -9.32
N ASN A 357 26.58 11.40 -9.80
CA ASN A 357 26.46 11.62 -11.24
C ASN A 357 27.84 11.75 -11.86
N GLN A 358 28.01 11.18 -13.04
CA GLN A 358 29.32 11.18 -13.68
C GLN A 358 29.54 12.42 -14.53
N ASP A 359 28.48 12.88 -15.22
CA ASP A 359 28.58 14.02 -16.11
C ASP A 359 27.98 15.24 -15.41
N VAL A 360 28.83 16.07 -14.82
CA VAL A 360 28.41 17.33 -14.21
C VAL A 360 29.49 18.37 -14.45
N ASN A 361 29.09 19.54 -14.92
CA ASN A 361 29.98 20.68 -15.09
C ASN A 361 29.67 21.68 -14.00
N LEU A 362 30.71 22.33 -13.47
CA LEU A 362 30.49 23.38 -12.49
C LEU A 362 30.23 24.71 -13.17
N HIS A 363 30.66 24.83 -14.43
CA HIS A 363 30.56 26.07 -15.19
C HIS A 363 30.05 25.76 -16.60
N SER A 364 28.82 26.20 -16.88
CA SER A 364 28.25 26.13 -18.22
C SER A 364 27.95 27.55 -18.66
N SER A 365 28.11 27.81 -19.96
CA SER A 365 28.01 29.18 -20.44
C SER A 365 26.83 29.38 -21.37
N ARG A 366 26.03 28.32 -21.58
CA ARG A 366 24.77 28.38 -22.32
C ARG A 366 24.00 27.11 -21.98
N LEU A 367 22.68 27.23 -21.94
CA LEU A 367 21.79 26.10 -21.64
C LEU A 367 21.05 25.69 -22.91
N SER A 368 21.25 24.46 -23.34
CA SER A 368 20.49 23.83 -24.41
C SER A 368 19.07 23.50 -23.96
N PHE A 369 18.28 22.90 -24.85
CA PHE A 369 16.96 22.45 -24.46
C PHE A 369 17.03 21.25 -23.53
N LYS A 370 18.03 20.39 -23.73
CA LYS A 370 18.13 19.16 -22.94
C LYS A 370 18.54 19.44 -21.50
N GLU A 371 19.55 20.30 -21.32
CA GLU A 371 19.99 20.57 -19.95
C GLU A 371 19.01 21.51 -19.24
N LEU A 372 18.26 22.30 -19.99
CA LEU A 372 17.14 23.03 -19.39
C LEU A 372 16.05 22.07 -18.95
N LEU A 373 15.83 21.00 -19.72
CA LEU A 373 14.83 20.02 -19.38
C LEU A 373 15.20 19.27 -18.11
N VAL A 374 16.48 18.91 -17.96
CA VAL A 374 16.88 18.17 -16.76
C VAL A 374 16.95 19.08 -15.54
N TYR A 375 17.04 20.40 -15.75
CA TYR A 375 17.00 21.31 -14.60
C TYR A 375 15.57 21.63 -14.21
N ALA A 376 14.66 21.65 -15.18
CA ALA A 376 13.26 21.91 -14.86
C ALA A 376 12.61 20.70 -14.20
N ALA A 377 12.95 19.51 -14.71
CA ALA A 377 12.42 18.23 -14.16
C ALA A 377 12.92 18.03 -12.73
N ASP A 378 14.18 18.39 -12.46
CA ASP A 378 14.82 18.19 -11.14
C ASP A 378 14.05 18.91 -10.04
N PRO A 379 13.78 18.25 -8.88
CA PRO A 379 13.04 18.87 -7.78
C PRO A 379 13.91 19.73 -6.84
N ALA A 380 15.23 19.70 -7.03
CA ALA A 380 16.15 20.46 -6.16
C ALA A 380 15.86 21.97 -6.26
N MET A 381 15.67 22.48 -7.48
CA MET A 381 15.38 23.92 -7.68
C MET A 381 14.04 24.29 -7.04
N HIS A 382 13.03 23.43 -7.21
CA HIS A 382 11.67 23.65 -6.66
C HIS A 382 11.65 23.67 -5.13
N ALA A 383 12.42 22.80 -4.48
CA ALA A 383 12.42 22.73 -3.03
C ALA A 383 13.34 23.75 -2.39
N ALA A 384 14.38 24.18 -3.09
CA ALA A 384 15.26 25.19 -2.52
C ALA A 384 14.64 26.57 -2.54
N SER A 385 13.61 26.79 -3.36
CA SER A 385 12.97 28.08 -3.42
C SER A 385 11.74 28.18 -2.53
N GLY A 386 11.06 27.07 -2.28
CA GLY A 386 9.79 27.09 -1.56
C GLY A 386 9.97 27.21 -0.07
N ASN A 387 8.83 27.20 0.62
CA ASN A 387 8.77 27.30 2.07
C ASN A 387 8.94 25.95 2.71
N LEU A 388 9.34 26.01 3.94
CA LEU A 388 9.31 24.79 4.74
C LEU A 388 7.87 24.42 5.04
N LEU A 389 7.55 23.14 4.95
CA LEU A 389 6.20 22.66 5.21
C LEU A 389 6.23 21.64 6.33
N LEU A 390 5.34 21.80 7.31
CA LEU A 390 5.12 20.82 8.34
C LEU A 390 3.65 20.40 8.26
N ASP A 391 3.39 19.27 7.60
CA ASP A 391 2.03 18.78 7.41
C ASP A 391 1.78 17.73 8.48
N LYS A 392 0.72 17.93 9.26
CA LYS A 392 0.36 17.01 10.32
C LYS A 392 -0.85 16.16 9.99
N ARG A 393 -1.41 16.31 8.78
CA ARG A 393 -2.47 15.41 8.36
C ARG A 393 -1.93 14.03 8.05
N THR A 394 -0.71 13.97 7.52
CA THR A 394 -0.08 12.71 7.14
C THR A 394 1.18 12.50 7.96
N THR A 395 1.57 11.23 8.08
CA THR A 395 2.82 10.87 8.72
C THR A 395 3.96 10.72 7.72
N CYS A 396 3.72 11.03 6.46
CA CYS A 396 4.77 10.98 5.46
C CYS A 396 5.67 12.20 5.58
N PHE A 397 6.88 12.10 5.03
CA PHE A 397 7.84 13.18 5.09
C PHE A 397 7.42 14.31 4.16
N SER A 398 7.52 15.54 4.64
CA SER A 398 7.12 16.73 3.89
C SER A 398 8.36 17.55 3.58
N VAL A 399 8.65 17.71 2.29
CA VAL A 399 9.85 18.45 1.90
C VAL A 399 9.60 19.95 1.94
N ALA A 400 8.70 20.44 1.09
CA ALA A 400 8.53 21.87 0.95
C ALA A 400 7.13 22.15 0.41
N ALA A 401 6.68 23.38 0.64
CA ALA A 401 5.43 23.88 0.09
C ALA A 401 5.80 24.87 -1.01
N LEU A 402 5.35 24.58 -2.23
CA LEU A 402 5.79 25.36 -3.38
C LEU A 402 5.07 26.69 -3.45
N THR A 403 3.81 26.72 -3.03
CA THR A 403 3.01 27.93 -3.03
C THR A 403 2.60 28.28 -1.61
N ASN A 404 2.15 29.53 -1.43
CA ASN A 404 1.82 30.01 -0.10
C ASN A 404 0.47 29.48 0.37
N ASN A 405 -0.31 28.91 -0.54
CA ASN A 405 -1.59 28.29 -0.20
C ASN A 405 -1.46 26.77 -0.17
N VAL A 406 -2.49 26.13 0.34
CA VAL A 406 -2.65 24.68 0.24
C VAL A 406 -3.89 24.43 -0.59
N ALA A 407 -3.74 23.66 -1.66
CA ALA A 407 -4.86 23.41 -2.55
C ALA A 407 -5.73 22.28 -2.02
N PHE A 408 -7.03 22.43 -2.14
CA PHE A 408 -8.00 21.49 -1.59
C PHE A 408 -8.93 21.04 -2.72
N GLN A 409 -8.50 20.00 -3.43
CA GLN A 409 -9.26 19.53 -4.58
C GLN A 409 -10.39 18.61 -4.13
N THR A 410 -11.58 18.87 -4.65
CA THR A 410 -12.74 18.03 -4.39
C THR A 410 -13.05 17.23 -5.64
N VAL A 411 -13.98 16.29 -5.50
CA VAL A 411 -14.47 15.47 -6.60
C VAL A 411 -15.96 15.71 -6.73
N LYS A 412 -16.39 16.06 -7.94
CA LYS A 412 -17.79 16.35 -8.19
C LYS A 412 -18.61 15.07 -8.21
N PRO A 413 -19.92 15.15 -7.97
CA PRO A 413 -20.76 13.96 -8.18
C PRO A 413 -21.00 13.69 -9.64
N GLY A 414 -21.64 12.56 -9.93
CA GLY A 414 -21.89 12.20 -11.31
C GLY A 414 -23.10 12.93 -11.86
N ASN A 415 -23.19 12.97 -13.19
CA ASN A 415 -24.34 13.55 -13.84
C ASN A 415 -25.40 12.48 -14.08
N PHE A 416 -26.63 12.77 -13.69
CA PHE A 416 -27.70 11.79 -13.77
C PHE A 416 -28.29 11.81 -15.18
N ASN A 417 -28.53 10.61 -15.71
CA ASN A 417 -29.05 10.36 -17.05
C ASN A 417 -30.48 9.88 -16.90
N LYS A 418 -31.40 10.84 -16.89
CA LYS A 418 -32.76 10.56 -16.43
C LYS A 418 -33.58 9.82 -17.48
N ASP A 419 -33.30 10.09 -18.76
CA ASP A 419 -34.09 9.49 -19.83
C ASP A 419 -33.91 7.98 -19.90
N PHE A 420 -32.67 7.53 -19.72
CA PHE A 420 -32.40 6.09 -19.70
C PHE A 420 -32.97 5.44 -18.46
N TYR A 421 -33.00 6.16 -17.34
CA TYR A 421 -33.55 5.59 -16.11
C TYR A 421 -35.08 5.50 -16.20
N ASP A 422 -35.71 6.50 -16.81
CA ASP A 422 -37.15 6.45 -17.03
C ASP A 422 -37.52 5.34 -18.00
N PHE A 423 -36.71 5.16 -19.05
CA PHE A 423 -36.91 4.07 -19.99
C PHE A 423 -36.72 2.71 -19.32
N ALA A 424 -35.76 2.60 -18.41
CA ALA A 424 -35.50 1.34 -17.74
C ALA A 424 -36.60 1.01 -16.73
N VAL A 425 -37.13 2.04 -16.06
CA VAL A 425 -38.25 1.81 -15.14
C VAL A 425 -39.50 1.42 -15.92
N SER A 426 -39.69 2.02 -17.10
CA SER A 426 -40.82 1.64 -17.95
C SER A 426 -40.68 0.23 -18.51
N LYS A 427 -39.47 -0.32 -18.57
CA LYS A 427 -39.24 -1.65 -19.10
C LYS A 427 -39.26 -2.73 -18.03
N GLY A 428 -39.61 -2.39 -16.80
CA GLY A 428 -39.71 -3.37 -15.74
C GLY A 428 -38.48 -3.52 -14.87
N PHE A 429 -37.46 -2.70 -15.05
CA PHE A 429 -36.27 -2.80 -14.23
C PHE A 429 -36.46 -2.06 -12.91
N PHE A 430 -35.55 -2.36 -11.97
CA PHE A 430 -35.50 -1.79 -10.63
C PHE A 430 -36.81 -2.01 -9.88
N LYS A 431 -37.26 -3.26 -9.84
CA LYS A 431 -38.36 -3.64 -8.97
C LYS A 431 -37.82 -4.01 -7.60
N GLU A 432 -38.73 -4.16 -6.64
CA GLU A 432 -38.32 -4.50 -5.29
C GLU A 432 -37.96 -5.98 -5.21
N GLY A 433 -36.78 -6.26 -4.64
CA GLY A 433 -36.31 -7.63 -4.56
C GLY A 433 -35.67 -8.16 -5.81
N SER A 434 -35.36 -7.30 -6.79
CA SER A 434 -34.79 -7.77 -8.04
C SER A 434 -33.31 -8.11 -7.86
N SER A 435 -32.84 -9.00 -8.74
CA SER A 435 -31.42 -9.45 -8.76
C SER A 435 -30.51 -8.27 -9.13
N VAL A 436 -30.95 -7.45 -10.09
CA VAL A 436 -30.13 -6.30 -10.59
C VAL A 436 -30.56 -5.00 -9.90
N GLU A 437 -29.59 -4.30 -9.30
CA GLU A 437 -29.81 -3.00 -8.60
C GLU A 437 -28.59 -2.10 -8.86
N LEU A 438 -28.72 -0.78 -8.66
CA LEU A 438 -27.57 0.12 -8.94
C LEU A 438 -26.63 0.13 -7.73
N LYS A 439 -25.39 -0.36 -7.93
CA LYS A 439 -24.37 -0.39 -6.86
C LYS A 439 -23.11 0.35 -7.31
N HIS A 440 -23.12 0.94 -8.52
CA HIS A 440 -21.94 1.62 -9.02
C HIS A 440 -22.30 3.08 -9.26
N PHE A 441 -21.62 3.98 -8.57
CA PHE A 441 -21.95 5.39 -8.59
C PHE A 441 -20.67 6.21 -8.70
N PHE A 442 -20.85 7.50 -8.96
CA PHE A 442 -19.76 8.45 -8.80
C PHE A 442 -19.85 9.04 -7.40
N PHE A 443 -18.86 8.75 -6.56
CA PHE A 443 -18.84 9.23 -5.20
C PHE A 443 -18.08 10.55 -5.14
N ALA A 444 -18.77 11.48 -4.55
CA ALA A 444 -18.12 12.77 -4.40
C ALA A 444 -17.14 12.73 -3.25
N GLN A 445 -16.16 13.63 -3.29
CA GLN A 445 -15.13 13.70 -2.26
C GLN A 445 -14.96 15.14 -1.82
N ASP A 446 -14.72 15.32 -0.52
CA ASP A 446 -14.46 16.65 0.00
C ASP A 446 -13.00 17.01 -0.19
N GLY A 447 -12.64 18.21 0.27
CA GLY A 447 -11.33 18.78 -0.02
C GLY A 447 -10.16 18.13 0.70
N ASN A 448 -10.45 17.20 1.62
CA ASN A 448 -9.39 16.50 2.38
C ASN A 448 -9.10 15.12 1.78
N ALA A 449 -9.76 14.78 0.66
CA ALA A 449 -9.62 13.45 0.00
C ALA A 449 -8.22 13.19 -0.56
N ALA A 450 -7.57 14.17 -1.18
CA ALA A 450 -6.26 13.96 -1.85
C ALA A 450 -5.14 13.53 -0.89
N ILE A 451 -5.04 14.16 0.28
CA ILE A 451 -4.00 13.87 1.26
C ILE A 451 -4.38 12.65 2.08
N SER A 452 -5.68 12.32 2.16
CA SER A 452 -6.08 11.11 2.85
C SER A 452 -5.80 9.88 2.02
N ASP A 453 -5.81 10.02 0.69
CA ASP A 453 -5.40 8.92 -0.16
C ASP A 453 -3.87 8.80 -0.19
N TYR A 454 -3.17 9.93 -0.15
CA TYR A 454 -1.72 9.90 -0.04
C TYR A 454 -1.24 9.33 1.29
N ASP A 455 -2.02 9.46 2.36
CA ASP A 455 -1.65 8.90 3.66
C ASP A 455 -1.68 7.37 3.71
N TYR A 456 -2.17 6.70 2.66
CA TYR A 456 -2.16 5.24 2.61
C TYR A 456 -0.80 4.67 2.25
N TYR A 457 0.23 5.52 2.11
CA TYR A 457 1.61 5.07 2.02
C TYR A 457 2.23 4.81 3.38
N ARG A 458 1.43 4.82 4.45
CA ARG A 458 1.90 4.35 5.74
C ARG A 458 1.85 2.83 5.82
N TYR A 459 1.18 2.18 4.87
CA TYR A 459 1.17 0.73 4.82
C TYR A 459 2.47 0.20 4.26
N ASN A 460 3.19 1.01 3.51
CA ASN A 460 4.49 0.63 3.00
C ASN A 460 5.54 0.71 4.10
N LEU A 461 6.13 -0.43 4.42
CA LEU A 461 7.14 -0.56 5.47
C LEU A 461 8.44 -1.02 4.86
N PRO A 462 9.58 -0.68 5.48
CA PRO A 462 10.86 -1.28 5.07
C PRO A 462 10.87 -2.77 5.36
N THR A 463 11.07 -3.57 4.33
CA THR A 463 10.96 -5.02 4.42
C THR A 463 12.24 -5.66 3.91
N MET A 464 12.91 -6.39 4.79
CA MET A 464 14.06 -7.19 4.42
C MET A 464 13.56 -8.55 3.97
N CYS A 465 14.14 -9.07 2.90
CA CYS A 465 13.73 -10.36 2.37
C CYS A 465 14.71 -11.45 2.79
N ASP A 466 14.21 -12.68 2.77
CA ASP A 466 15.05 -13.87 2.71
C ASP A 466 15.82 -13.80 1.40
N ILE A 467 17.14 -13.57 1.47
CA ILE A 467 17.87 -13.19 0.27
C ILE A 467 18.20 -14.43 -0.58
N ARG A 468 18.44 -15.57 0.07
CA ARG A 468 18.73 -16.80 -0.68
C ARG A 468 17.50 -17.28 -1.42
N GLN A 469 16.36 -17.27 -0.72
CA GLN A 469 15.08 -17.59 -1.31
C GLN A 469 14.72 -16.63 -2.43
N LEU A 470 15.02 -15.34 -2.25
CA LEU A 470 14.69 -14.35 -3.27
C LEU A 470 15.55 -14.53 -4.51
N LEU A 471 16.81 -14.93 -4.34
CA LEU A 471 17.66 -15.15 -5.50
C LEU A 471 17.22 -16.38 -6.30
N PHE A 472 16.84 -17.45 -5.61
CA PHE A 472 16.27 -18.59 -6.35
C PHE A 472 14.96 -18.22 -7.03
N VAL A 473 14.13 -17.42 -6.36
CA VAL A 473 12.82 -17.06 -6.91
C VAL A 473 12.98 -16.14 -8.10
N VAL A 474 14.01 -15.28 -8.10
CA VAL A 474 14.19 -14.39 -9.26
C VAL A 474 14.74 -15.17 -10.45
N GLU A 475 15.46 -16.28 -10.20
CA GLU A 475 15.83 -17.13 -11.33
C GLU A 475 14.61 -17.84 -11.94
N VAL A 476 13.72 -18.35 -11.09
CA VAL A 476 12.53 -19.04 -11.59
C VAL A 476 11.57 -18.06 -12.27
N VAL A 477 11.49 -16.84 -11.72
CA VAL A 477 10.61 -15.76 -12.28
C VAL A 477 11.13 -15.39 -13.67
N ASP A 478 12.45 -15.39 -13.85
CA ASP A 478 13.13 -15.02 -15.12
C ASP A 478 12.71 -15.97 -16.26
N LYS A 479 12.47 -17.25 -15.96
CA LYS A 479 12.09 -18.27 -16.97
C LYS A 479 10.77 -17.90 -17.65
N TYR A 480 9.83 -17.30 -16.91
CA TYR A 480 8.50 -16.91 -17.44
C TYR A 480 8.62 -15.85 -18.55
N PHE A 481 9.62 -14.97 -18.46
CA PHE A 481 9.81 -13.85 -19.42
C PHE A 481 10.85 -14.20 -20.50
N ASP A 482 11.22 -15.47 -20.60
CA ASP A 482 12.24 -15.96 -21.58
C ASP A 482 11.84 -15.78 -23.05
N CYS A 483 10.58 -16.04 -23.42
CA CYS A 483 10.19 -16.02 -24.83
C CYS A 483 10.16 -14.60 -25.40
N TYR A 484 10.28 -13.58 -24.54
CA TYR A 484 10.14 -12.22 -25.02
C TYR A 484 11.47 -11.66 -25.50
N ASP A 485 11.38 -10.69 -26.41
CA ASP A 485 12.52 -9.98 -26.96
C ASP A 485 12.55 -8.58 -26.40
N GLY A 486 13.74 -8.06 -26.12
CA GLY A 486 13.86 -6.74 -25.56
C GLY A 486 15.17 -6.05 -25.84
N GLY A 487 15.41 -4.94 -25.18
CA GLY A 487 16.59 -4.12 -25.41
C GLY A 487 16.21 -2.68 -25.70
N CYS A 488 17.25 -1.87 -25.85
CA CYS A 488 17.04 -0.47 -26.17
C CYS A 488 16.62 -0.30 -27.62
N ILE A 489 15.91 0.79 -27.88
CA ILE A 489 15.56 1.20 -29.23
C ILE A 489 15.97 2.65 -29.39
N ASN A 490 15.93 3.13 -30.63
CA ASN A 490 16.22 4.54 -30.86
C ASN A 490 14.97 5.38 -30.66
N ALA A 491 15.13 6.69 -30.85
CA ALA A 491 14.03 7.60 -30.57
C ALA A 491 12.98 7.56 -31.67
N ASN A 492 13.37 7.16 -32.88
CA ASN A 492 12.42 7.13 -33.98
C ASN A 492 11.62 5.84 -33.98
N GLN A 493 12.05 4.83 -33.22
CA GLN A 493 11.27 3.60 -33.11
C GLN A 493 10.26 3.65 -31.97
N VAL A 494 10.23 4.74 -31.21
CA VAL A 494 9.33 4.84 -30.07
C VAL A 494 7.92 5.15 -30.55
N ILE A 495 6.94 4.43 -30.02
CA ILE A 495 5.54 4.60 -30.36
C ILE A 495 4.81 5.21 -29.17
N VAL A 496 4.19 6.36 -29.37
CA VAL A 496 3.44 7.05 -28.32
C VAL A 496 1.96 6.96 -28.66
N ASN A 497 1.17 6.50 -27.69
CA ASN A 497 -0.24 6.24 -27.94
C ASN A 497 -1.05 7.53 -28.00
N ASN A 498 -0.81 8.44 -27.05
CA ASN A 498 -1.59 9.66 -26.95
C ASN A 498 -0.65 10.81 -26.64
N LEU A 499 -0.45 11.69 -27.61
CA LEU A 499 0.48 12.79 -27.44
C LEU A 499 -0.16 13.97 -26.71
N ASP A 500 -1.49 14.04 -26.67
CA ASP A 500 -2.17 15.12 -25.97
C ASP A 500 -2.60 14.63 -24.58
N LYS A 501 -1.61 14.26 -23.79
CA LYS A 501 -1.80 13.93 -22.39
C LYS A 501 -0.88 14.82 -21.59
N SER A 502 -0.98 14.72 -20.26
CA SER A 502 -0.21 15.60 -19.40
C SER A 502 1.26 15.23 -19.39
N ALA A 503 2.12 16.23 -19.32
CA ALA A 503 3.56 16.04 -19.29
C ALA A 503 4.11 16.09 -17.88
N GLY A 504 3.27 15.96 -16.87
CA GLY A 504 3.71 16.04 -15.50
C GLY A 504 4.08 17.47 -15.10
N PHE A 505 4.61 17.57 -13.89
CA PHE A 505 5.09 18.77 -13.26
C PHE A 505 6.60 18.90 -13.42
N PRO A 506 7.14 20.09 -13.72
CA PRO A 506 6.48 21.38 -13.97
C PRO A 506 6.21 21.63 -15.44
N PHE A 507 6.08 20.56 -16.20
CA PHE A 507 5.96 20.68 -17.64
C PHE A 507 4.52 20.89 -18.10
N ASN A 508 3.55 20.77 -17.20
CA ASN A 508 2.16 21.01 -17.58
C ASN A 508 1.79 22.49 -17.54
N LYS A 509 2.71 23.36 -17.15
CA LYS A 509 2.49 24.79 -17.25
C LYS A 509 2.70 25.32 -18.65
N TRP A 510 3.41 24.59 -19.50
CA TRP A 510 3.80 25.09 -20.81
C TRP A 510 3.26 24.29 -21.98
N GLY A 511 2.82 23.06 -21.76
CA GLY A 511 2.22 22.31 -22.84
C GLY A 511 1.98 20.87 -22.45
N LYS A 512 1.41 20.13 -23.40
CA LYS A 512 1.20 18.71 -23.24
C LYS A 512 2.44 17.96 -23.72
N ALA A 513 2.36 16.63 -23.77
CA ALA A 513 3.49 15.81 -24.23
C ALA A 513 3.84 16.04 -25.69
N ARG A 514 2.86 16.50 -26.50
CA ARG A 514 3.09 16.73 -27.91
C ARG A 514 4.09 17.86 -28.14
N LEU A 515 4.07 18.88 -27.28
CA LEU A 515 4.99 20.01 -27.41
C LEU A 515 6.43 19.57 -27.17
N TYR A 516 6.63 18.66 -26.22
CA TYR A 516 8.00 18.23 -25.91
C TYR A 516 8.49 17.20 -26.91
N TYR A 517 7.58 16.40 -27.48
CA TYR A 517 8.02 15.49 -28.53
C TYR A 517 8.30 16.23 -29.83
N ASP A 518 7.55 17.30 -30.11
CA ASP A 518 7.82 18.09 -31.31
C ASP A 518 8.98 19.04 -31.11
N SER A 519 9.30 19.40 -29.87
CA SER A 519 10.32 20.41 -29.64
C SER A 519 11.72 19.81 -29.60
N MET A 520 11.83 18.56 -29.18
CA MET A 520 13.10 17.86 -29.17
C MET A 520 13.27 17.12 -30.48
N SER A 521 14.47 17.22 -31.07
CA SER A 521 14.80 16.35 -32.18
C SER A 521 15.07 14.94 -31.68
N TYR A 522 15.23 14.01 -32.63
CA TYR A 522 15.55 12.63 -32.28
C TYR A 522 16.94 12.53 -31.65
N GLU A 523 17.84 13.41 -32.07
CA GLU A 523 19.19 13.45 -31.50
C GLU A 523 19.18 13.97 -30.07
N ASP A 524 18.31 14.95 -29.77
CA ASP A 524 18.18 15.44 -28.41
C ASP A 524 17.57 14.39 -27.50
N GLN A 525 16.60 13.63 -28.00
CA GLN A 525 16.00 12.57 -27.20
C GLN A 525 16.98 11.44 -26.94
N ASP A 526 17.78 11.11 -27.95
CA ASP A 526 18.80 10.07 -27.78
C ASP A 526 19.91 10.56 -26.86
N ALA A 527 20.22 11.86 -26.88
CA ALA A 527 21.22 12.40 -25.98
C ALA A 527 20.73 12.40 -24.54
N LEU A 528 19.44 12.67 -24.33
CA LEU A 528 18.87 12.58 -22.99
C LEU A 528 18.86 11.14 -22.48
N PHE A 529 18.54 10.19 -23.37
CA PHE A 529 18.56 8.78 -22.98
C PHE A 529 19.97 8.31 -22.68
N ALA A 530 20.97 8.83 -23.40
CA ALA A 530 22.35 8.50 -23.07
C ALA A 530 22.79 9.18 -21.79
N TYR A 531 22.19 10.33 -21.48
CA TYR A 531 22.51 11.04 -20.25
C TYR A 531 22.00 10.29 -19.03
N THR A 532 20.86 9.60 -19.15
CA THR A 532 20.37 8.85 -18.00
C THR A 532 21.14 7.55 -17.78
N LYS A 533 22.02 7.17 -18.71
CA LYS A 533 22.82 5.98 -18.49
C LYS A 533 24.10 6.28 -17.72
N ARG A 534 24.40 7.55 -17.44
CA ARG A 534 25.54 7.92 -16.64
C ARG A 534 25.21 8.91 -15.53
N ASN A 535 23.95 9.31 -15.40
CA ASN A 535 23.54 10.31 -14.41
C ASN A 535 22.18 9.93 -13.88
N VAL A 536 21.87 10.43 -12.68
CA VAL A 536 20.54 10.15 -12.07
C VAL A 536 19.73 11.45 -12.11
N ILE A 537 18.54 11.41 -12.73
CA ILE A 537 17.69 12.64 -12.79
C ILE A 537 16.53 12.44 -11.82
N PRO A 538 16.48 13.12 -10.66
CA PRO A 538 15.34 13.01 -9.75
C PRO A 538 14.17 13.75 -10.41
N THR A 539 12.97 13.18 -10.35
CA THR A 539 11.78 13.81 -10.99
C THR A 539 10.64 13.94 -9.96
N ILE A 540 9.68 14.82 -10.25
CA ILE A 540 8.51 15.07 -9.36
C ILE A 540 7.27 14.42 -9.96
N THR A 541 6.54 13.65 -9.17
CA THR A 541 5.31 12.94 -9.63
C THR A 541 4.08 13.67 -9.08
N GLN A 542 3.14 14.03 -9.95
CA GLN A 542 1.93 14.74 -9.54
C GLN A 542 0.84 13.74 -9.19
N MET A 543 0.16 13.97 -8.08
CA MET A 543 -0.98 13.15 -7.67
C MET A 543 -2.26 13.87 -8.06
N ASN A 544 -3.12 13.18 -8.82
CA ASN A 544 -4.39 13.79 -9.28
C ASN A 544 -5.56 12.87 -8.88
N LEU A 545 -6.60 13.43 -8.28
CA LEU A 545 -7.80 12.63 -7.95
C LEU A 545 -8.43 12.20 -9.27
N LYS A 546 -8.89 10.96 -9.38
CA LYS A 546 -9.48 10.48 -10.66
C LYS A 546 -11.01 10.39 -10.54
N TYR A 547 -11.73 11.00 -11.48
CA TYR A 547 -13.20 11.02 -11.50
C TYR A 547 -13.68 9.81 -12.32
N ALA A 548 -14.19 8.78 -11.65
CA ALA A 548 -14.66 7.57 -12.31
C ALA A 548 -15.62 6.81 -11.40
N ILE A 549 -16.46 5.99 -12.03
CA ILE A 549 -17.49 5.25 -11.30
C ILE A 549 -16.85 4.13 -10.49
N SER A 550 -17.51 3.74 -9.40
CA SER A 550 -16.97 2.74 -8.49
C SER A 550 -18.10 2.19 -7.63
N ALA A 551 -17.80 1.11 -6.93
CA ALA A 551 -18.73 0.55 -5.96
C ALA A 551 -18.36 0.89 -4.52
N LYS A 552 -17.23 1.55 -4.30
CA LYS A 552 -16.78 1.93 -2.97
C LYS A 552 -16.57 3.44 -2.91
N ASN A 553 -16.67 3.99 -1.71
CA ASN A 553 -16.60 5.43 -1.50
C ASN A 553 -15.17 5.92 -1.28
N ARG A 554 -14.18 5.07 -1.48
CA ARG A 554 -12.79 5.47 -1.36
C ARG A 554 -12.36 6.29 -2.59
N ALA A 555 -11.65 7.37 -2.34
CA ALA A 555 -11.11 8.18 -3.42
C ALA A 555 -9.96 7.44 -4.09
N ARG A 556 -9.76 7.72 -5.38
CA ARG A 556 -8.70 7.09 -6.14
C ARG A 556 -7.85 8.15 -6.81
N THR A 557 -6.54 8.10 -6.57
CA THR A 557 -5.61 9.07 -7.12
C THR A 557 -4.77 8.39 -8.19
N VAL A 558 -4.44 9.13 -9.24
CA VAL A 558 -3.51 8.66 -10.24
C VAL A 558 -2.22 9.46 -10.12
N ALA A 559 -1.12 8.87 -10.56
CA ALA A 559 0.20 9.48 -10.47
C ALA A 559 0.62 9.95 -11.84
N GLY A 560 0.97 11.23 -11.95
CA GLY A 560 1.42 11.80 -13.21
C GLY A 560 2.93 11.95 -13.22
N VAL A 561 3.58 11.08 -13.97
CA VAL A 561 5.04 11.07 -14.07
C VAL A 561 5.48 12.14 -15.07
N SER A 562 6.65 12.72 -14.81
CA SER A 562 7.26 13.73 -15.66
C SER A 562 7.57 13.20 -17.06
N ILE A 563 7.75 14.11 -18.01
CA ILE A 563 7.93 13.73 -19.41
C ILE A 563 9.33 13.20 -19.65
N CYS A 564 10.31 13.66 -18.85
CA CYS A 564 11.68 13.18 -18.95
C CYS A 564 11.78 11.71 -18.59
N SER A 565 11.19 11.34 -17.45
CA SER A 565 11.18 9.97 -16.99
C SER A 565 10.44 9.05 -17.96
N THR A 566 9.26 9.47 -18.42
CA THR A 566 8.47 8.57 -19.27
C THR A 566 9.05 8.48 -20.67
N MET A 567 9.76 9.52 -21.12
CA MET A 567 10.42 9.47 -22.42
C MET A 567 11.59 8.50 -22.41
N THR A 568 12.48 8.63 -21.41
CA THR A 568 13.62 7.74 -21.32
C THR A 568 13.19 6.31 -20.96
N ASN A 569 12.10 6.17 -20.21
CA ASN A 569 11.62 4.84 -19.84
C ASN A 569 10.96 4.14 -21.01
N ARG A 570 10.26 4.90 -21.88
CA ARG A 570 9.76 4.33 -23.11
C ARG A 570 10.90 3.83 -23.98
N GLN A 571 11.94 4.65 -24.12
CA GLN A 571 13.08 4.27 -24.95
C GLN A 571 13.86 3.10 -24.37
N PHE A 572 13.77 2.89 -23.06
CA PHE A 572 14.45 1.76 -22.44
C PHE A 572 13.62 0.49 -22.46
N HIS A 573 12.30 0.58 -22.34
CA HIS A 573 11.47 -0.58 -22.03
C HIS A 573 10.48 -1.00 -23.10
N GLN A 574 10.25 -0.18 -24.14
CA GLN A 574 9.08 -0.39 -24.98
C GLN A 574 9.20 -1.62 -25.86
N LYS A 575 10.41 -2.02 -26.23
CA LYS A 575 10.59 -3.21 -27.06
C LYS A 575 10.14 -4.47 -26.34
N LEU A 576 10.55 -4.61 -25.08
CA LEU A 576 10.11 -5.72 -24.25
C LEU A 576 8.61 -5.63 -23.95
N LEU A 577 8.09 -4.43 -23.71
CA LEU A 577 6.68 -4.32 -23.35
C LEU A 577 5.77 -4.62 -24.55
N LYS A 578 6.17 -4.19 -25.75
CA LYS A 578 5.43 -4.56 -26.96
C LYS A 578 5.56 -6.04 -27.24
N SER A 579 6.72 -6.65 -26.96
CA SER A 579 6.87 -8.08 -27.18
C SER A 579 6.05 -8.90 -26.18
N ILE A 580 5.82 -8.35 -24.98
CA ILE A 580 4.96 -9.04 -24.03
C ILE A 580 3.50 -8.90 -24.43
N ALA A 581 3.10 -7.70 -24.87
CA ALA A 581 1.72 -7.45 -25.26
C ALA A 581 1.31 -8.20 -26.53
N ALA A 582 2.27 -8.58 -27.37
CA ALA A 582 1.98 -9.22 -28.65
C ALA A 582 2.32 -10.71 -28.64
N THR A 583 2.06 -11.38 -27.54
CA THR A 583 2.35 -12.81 -27.39
C THR A 583 1.12 -13.50 -26.84
N ARG A 584 0.69 -14.58 -27.49
CA ARG A 584 -0.45 -15.35 -27.05
C ARG A 584 -0.01 -16.72 -26.56
N GLY A 585 -0.75 -17.25 -25.58
CA GLY A 585 -0.46 -18.54 -25.01
C GLY A 585 0.47 -18.54 -23.82
N ALA A 586 1.03 -17.38 -23.46
CA ALA A 586 1.98 -17.30 -22.37
C ALA A 586 1.25 -17.14 -21.03
N THR A 587 2.06 -16.97 -19.98
CA THR A 587 1.50 -16.81 -18.63
C THR A 587 0.94 -15.40 -18.44
N VAL A 588 1.71 -14.39 -18.80
CA VAL A 588 1.24 -13.01 -18.77
C VAL A 588 0.31 -12.80 -19.96
N VAL A 589 -0.95 -12.47 -19.67
CA VAL A 589 -1.95 -12.31 -20.73
C VAL A 589 -2.27 -10.85 -20.99
N ILE A 590 -1.34 -9.94 -20.68
CA ILE A 590 -1.49 -8.55 -21.09
C ILE A 590 -1.41 -8.45 -22.60
N GLY A 591 -2.39 -7.79 -23.20
CA GLY A 591 -2.44 -7.66 -24.64
C GLY A 591 -3.40 -8.60 -25.33
N THR A 592 -3.89 -9.62 -24.65
CA THR A 592 -4.81 -10.59 -25.23
C THR A 592 -6.24 -10.10 -25.03
N SER A 593 -7.00 -10.05 -26.13
CA SER A 593 -8.36 -9.54 -26.11
C SER A 593 -9.32 -10.61 -25.63
N LYS A 594 -10.40 -10.20 -24.95
CA LYS A 594 -11.44 -11.15 -24.57
C LYS A 594 -12.41 -11.40 -25.71
N PHE A 595 -12.33 -10.61 -26.77
CA PHE A 595 -13.25 -10.76 -27.88
C PHE A 595 -12.73 -11.78 -28.88
N TYR A 596 -13.65 -12.23 -29.74
CA TYR A 596 -13.37 -13.13 -30.86
C TYR A 596 -12.83 -14.48 -30.40
N GLY A 597 -13.34 -14.97 -29.27
CA GLY A 597 -12.89 -16.22 -28.72
C GLY A 597 -11.64 -16.15 -27.87
N GLY A 598 -11.14 -14.96 -27.56
CA GLY A 598 -9.88 -14.84 -26.84
C GLY A 598 -9.98 -15.24 -25.39
N TRP A 599 -11.15 -15.07 -24.78
CA TRP A 599 -11.38 -15.50 -23.41
C TRP A 599 -11.35 -17.02 -23.30
N HIS A 600 -11.96 -17.69 -24.28
CA HIS A 600 -11.95 -19.14 -24.33
C HIS A 600 -10.55 -19.66 -24.56
N ASN A 601 -9.75 -18.97 -25.38
CA ASN A 601 -8.37 -19.38 -25.61
C ASN A 601 -7.52 -19.18 -24.37
N MET A 602 -7.75 -18.09 -23.62
CA MET A 602 -7.03 -17.86 -22.38
C MET A 602 -7.34 -18.92 -21.35
N LEU A 603 -8.61 -19.30 -21.22
CA LEU A 603 -8.98 -20.31 -20.24
C LEU A 603 -8.51 -21.70 -20.66
N LYS A 604 -8.58 -22.00 -21.95
CA LYS A 604 -8.12 -23.33 -22.43
C LYS A 604 -6.62 -23.44 -22.16
N THR A 605 -5.88 -22.35 -22.39
CA THR A 605 -4.42 -22.31 -22.14
C THR A 605 -4.14 -22.52 -20.65
N VAL A 606 -4.93 -21.89 -19.77
CA VAL A 606 -4.71 -22.02 -18.31
C VAL A 606 -4.95 -23.48 -17.88
N TYR A 607 -5.97 -24.15 -18.44
CA TYR A 607 -6.19 -25.59 -18.13
C TYR A 607 -5.34 -26.39 -19.11
N SER A 608 -4.01 -26.41 -18.92
CA SER A 608 -3.20 -27.11 -19.94
C SER A 608 -3.04 -28.59 -19.65
N ASP A 609 -2.27 -28.95 -18.62
CA ASP A 609 -2.03 -30.39 -18.31
C ASP A 609 -2.31 -30.70 -16.84
N VAL A 610 -3.02 -29.83 -16.12
CA VAL A 610 -3.28 -30.10 -14.68
C VAL A 610 -4.04 -31.44 -14.59
N GLU A 611 -3.63 -32.31 -13.67
CA GLU A 611 -4.17 -33.66 -13.59
C GLU A 611 -5.44 -33.73 -12.77
N ASN A 612 -5.45 -33.15 -11.57
CA ASN A 612 -6.63 -33.10 -10.71
C ASN A 612 -7.03 -31.66 -10.55
N PRO A 613 -7.64 -31.06 -11.58
CA PRO A 613 -7.64 -29.60 -11.69
C PRO A 613 -8.66 -28.92 -10.80
N HIS A 614 -8.20 -27.90 -10.09
CA HIS A 614 -9.03 -26.95 -9.36
C HIS A 614 -8.59 -25.56 -9.75
N LEU A 615 -9.43 -24.59 -9.45
CA LEU A 615 -9.19 -23.20 -9.83
C LEU A 615 -9.04 -22.36 -8.58
N MET A 616 -8.21 -21.33 -8.66
CA MET A 616 -7.87 -20.52 -7.50
C MET A 616 -7.56 -19.09 -7.95
N GLY A 617 -8.09 -18.13 -7.23
CA GLY A 617 -7.70 -16.75 -7.39
C GLY A 617 -7.57 -16.09 -6.04
N TRP A 618 -6.74 -15.07 -5.96
CA TRP A 618 -6.47 -14.39 -4.70
C TRP A 618 -6.44 -12.88 -4.91
N ASP A 619 -6.20 -12.18 -3.81
CA ASP A 619 -6.32 -10.73 -3.74
C ASP A 619 -5.08 -10.17 -3.06
N TYR A 620 -4.60 -9.03 -3.54
CA TYR A 620 -3.53 -8.32 -2.87
C TYR A 620 -4.11 -7.11 -2.16
N PRO A 621 -4.18 -7.11 -0.83
CA PRO A 621 -4.68 -5.93 -0.12
C PRO A 621 -3.67 -4.81 -0.20
N LYS A 622 -4.12 -3.65 -0.68
CA LYS A 622 -3.32 -2.43 -0.82
C LYS A 622 -2.06 -2.68 -1.65
N CYS A 623 -2.27 -3.11 -2.90
CA CYS A 623 -1.15 -3.63 -3.69
C CYS A 623 -0.21 -2.52 -4.15
N ASP A 624 -0.80 -1.42 -4.63
CA ASP A 624 -0.03 -0.24 -5.10
C ASP A 624 0.69 0.43 -3.93
N ARG A 625 0.15 0.31 -2.72
CA ARG A 625 0.70 1.01 -1.57
C ARG A 625 1.76 0.18 -0.87
N ALA A 626 1.41 -1.04 -0.50
CA ALA A 626 2.21 -1.83 0.43
C ALA A 626 3.25 -2.71 -0.24
N MET A 627 3.59 -2.46 -1.49
CA MET A 627 4.56 -3.29 -2.17
C MET A 627 5.96 -2.95 -1.70
N PRO A 628 6.76 -3.93 -1.28
CA PRO A 628 8.09 -3.64 -0.73
C PRO A 628 9.05 -3.20 -1.82
N ASN A 629 10.06 -2.43 -1.40
CA ASN A 629 10.98 -1.83 -2.36
C ASN A 629 11.92 -2.87 -2.94
N MET A 630 12.20 -3.94 -2.19
CA MET A 630 13.07 -4.98 -2.69
C MET A 630 12.39 -5.78 -3.80
N LEU A 631 11.08 -5.98 -3.69
CA LEU A 631 10.37 -6.70 -4.74
C LEU A 631 10.18 -5.84 -5.97
N ARG A 632 10.03 -4.53 -5.80
CA ARG A 632 9.95 -3.63 -6.95
C ARG A 632 11.29 -3.53 -7.67
N ILE A 633 12.38 -3.51 -6.92
CA ILE A 633 13.72 -3.52 -7.52
C ILE A 633 13.98 -4.84 -8.24
N MET A 634 13.54 -5.94 -7.61
CA MET A 634 13.70 -7.30 -8.19
C MET A 634 12.93 -7.36 -9.50
N ALA A 635 11.70 -6.80 -9.53
CA ALA A 635 10.85 -6.79 -10.74
C ALA A 635 11.53 -5.96 -11.84
N SER A 636 12.12 -4.82 -11.46
CA SER A 636 12.81 -3.92 -12.42
C SER A 636 14.03 -4.63 -13.03
N LEU A 637 14.78 -5.34 -12.20
CA LEU A 637 16.00 -6.08 -12.64
C LEU A 637 15.63 -7.19 -13.64
N VAL A 638 14.50 -7.89 -13.40
CA VAL A 638 14.06 -9.00 -14.30
C VAL A 638 13.79 -8.43 -15.69
N LEU A 639 13.13 -7.27 -15.76
CA LEU A 639 12.82 -6.60 -17.05
C LEU A 639 14.13 -6.19 -17.74
N ALA A 640 15.11 -5.73 -16.97
CA ALA A 640 16.36 -5.22 -17.51
C ALA A 640 17.34 -6.33 -17.89
N ARG A 641 16.93 -7.59 -17.81
CA ARG A 641 17.78 -8.70 -18.22
C ARG A 641 17.78 -8.93 -19.72
N LYS A 642 17.06 -8.11 -20.48
CA LYS A 642 17.07 -8.14 -21.93
C LYS A 642 18.12 -7.22 -22.52
N HIS A 643 18.79 -6.44 -21.70
CA HIS A 643 19.76 -5.44 -22.14
C HIS A 643 21.18 -5.95 -22.00
N THR A 644 21.39 -7.23 -22.26
CA THR A 644 22.70 -7.84 -22.03
C THR A 644 23.72 -7.46 -23.10
N THR A 645 23.27 -7.16 -24.32
CA THR A 645 24.20 -6.84 -25.39
C THR A 645 24.22 -5.36 -25.78
N CYS A 646 23.25 -4.56 -25.32
CA CYS A 646 23.24 -3.14 -25.65
C CYS A 646 23.69 -2.25 -24.52
N CYS A 647 23.78 -2.77 -23.29
CA CYS A 647 24.11 -1.96 -22.13
C CYS A 647 25.16 -2.67 -21.30
N SER A 648 26.10 -1.90 -20.75
CA SER A 648 27.04 -2.44 -19.79
C SER A 648 26.40 -2.51 -18.42
N LEU A 649 27.18 -2.97 -17.44
CA LEU A 649 26.64 -3.13 -16.09
C LEU A 649 26.51 -1.79 -15.39
N SER A 650 27.39 -0.84 -15.73
CA SER A 650 27.26 0.51 -15.19
C SER A 650 26.05 1.23 -15.78
N HIS A 651 25.79 1.02 -17.07
CA HIS A 651 24.61 1.60 -17.72
C HIS A 651 23.33 1.03 -17.13
N ARG A 652 23.32 -0.28 -16.86
CA ARG A 652 22.13 -0.90 -16.31
C ARG A 652 21.92 -0.50 -14.87
N PHE A 653 23.01 -0.28 -14.11
CA PHE A 653 22.85 0.23 -12.75
C PHE A 653 22.29 1.64 -12.76
N TYR A 654 22.75 2.48 -13.68
CA TYR A 654 22.27 3.86 -13.68
C TYR A 654 20.83 3.95 -14.19
N ARG A 655 20.43 3.02 -15.05
CA ARG A 655 19.02 2.94 -15.42
C ARG A 655 18.16 2.47 -14.26
N LEU A 656 18.68 1.52 -13.46
CA LEU A 656 17.97 1.09 -12.26
C LEU A 656 17.87 2.21 -11.24
N ALA A 657 18.94 2.98 -11.08
CA ALA A 657 18.94 4.11 -10.14
C ALA A 657 18.01 5.21 -10.60
N ASN A 658 17.89 5.41 -11.91
CA ASN A 658 16.95 6.40 -12.42
C ASN A 658 15.52 5.95 -12.21
N GLU A 659 15.23 4.66 -12.41
CA GLU A 659 13.88 4.17 -12.16
C GLU A 659 13.53 4.21 -10.67
N CYS A 660 14.50 3.95 -9.80
CA CYS A 660 14.24 4.06 -8.36
C CYS A 660 14.06 5.51 -7.93
N ALA A 661 14.81 6.43 -8.52
CA ALA A 661 14.67 7.83 -8.18
C ALA A 661 13.47 8.49 -8.84
N GLN A 662 12.84 7.83 -9.81
CA GLN A 662 11.71 8.43 -10.50
C GLN A 662 10.36 7.83 -10.15
N VAL A 663 10.23 6.51 -9.98
CA VAL A 663 8.91 5.91 -9.76
C VAL A 663 8.84 5.07 -8.50
N LEU A 664 9.88 5.00 -7.70
CA LEU A 664 9.83 4.21 -6.48
C LEU A 664 9.81 5.05 -5.22
N SER A 665 10.76 5.95 -5.05
CA SER A 665 10.85 6.84 -3.90
C SER A 665 11.09 8.27 -4.35
N GLU A 666 10.22 8.74 -5.24
CA GLU A 666 10.36 10.08 -5.81
C GLU A 666 9.70 11.11 -4.91
N MET A 667 9.86 12.38 -5.27
CA MET A 667 9.16 13.47 -4.60
C MET A 667 7.79 13.63 -5.24
N VAL A 668 6.77 13.68 -4.41
CA VAL A 668 5.38 13.64 -4.85
C VAL A 668 4.74 14.99 -4.56
N MET A 669 4.14 15.60 -5.56
CA MET A 669 3.49 16.89 -5.40
C MET A 669 1.99 16.69 -5.29
N CYS A 670 1.47 16.78 -4.07
CA CYS A 670 0.05 16.54 -3.79
C CYS A 670 -0.56 17.81 -3.22
N GLY A 671 -1.08 18.66 -4.10
CA GLY A 671 -1.76 19.87 -3.64
C GLY A 671 -0.83 21.05 -3.43
N GLY A 672 0.11 21.27 -4.34
CA GLY A 672 1.02 22.38 -4.24
C GLY A 672 2.13 22.22 -3.24
N SER A 673 2.34 21.02 -2.73
CA SER A 673 3.33 20.75 -1.69
C SER A 673 4.06 19.47 -2.01
N LEU A 674 5.36 19.42 -1.70
CA LEU A 674 6.18 18.25 -2.01
C LEU A 674 6.23 17.30 -0.82
N TYR A 675 6.16 16.00 -1.10
CA TYR A 675 6.25 14.97 -0.09
C TYR A 675 7.22 13.90 -0.56
N VAL A 676 7.67 13.08 0.37
CA VAL A 676 8.56 11.97 0.05
C VAL A 676 7.72 10.71 -0.06
N LYS A 677 7.75 10.07 -1.22
CA LYS A 677 7.10 8.80 -1.39
C LYS A 677 7.93 7.71 -0.72
N PRO A 678 7.34 6.92 0.19
CA PRO A 678 8.14 5.86 0.84
C PRO A 678 8.46 4.71 -0.10
N GLY A 679 7.50 4.31 -0.91
CA GLY A 679 7.66 3.16 -1.77
C GLY A 679 6.35 2.85 -2.44
N GLY A 680 6.30 1.71 -3.07
CA GLY A 680 5.14 1.33 -3.85
C GLY A 680 5.33 1.68 -5.32
N THR A 681 4.28 1.47 -6.08
CA THR A 681 4.32 1.62 -7.52
C THR A 681 3.57 2.87 -7.92
N SER A 682 4.16 3.66 -8.80
CA SER A 682 3.42 4.76 -9.43
C SER A 682 2.52 4.19 -10.51
N SER A 683 1.29 4.70 -10.58
CA SER A 683 0.33 4.16 -11.53
C SER A 683 0.54 4.72 -12.93
N GLY A 684 1.40 5.73 -13.05
CA GLY A 684 1.53 6.40 -14.33
C GLY A 684 2.83 6.11 -15.05
N ASP A 685 3.58 5.11 -14.59
CA ASP A 685 4.77 4.72 -15.33
C ASP A 685 4.41 3.75 -16.44
N ALA A 686 5.29 3.65 -17.45
CA ALA A 686 5.02 2.81 -18.60
C ALA A 686 5.05 1.33 -18.25
N THR A 687 5.81 0.96 -17.22
CA THR A 687 6.08 -0.42 -16.89
C THR A 687 5.28 -0.95 -15.71
N THR A 688 4.18 -0.28 -15.35
CA THR A 688 3.52 -0.55 -14.08
C THR A 688 2.80 -1.90 -14.10
N ALA A 689 2.01 -2.16 -15.15
CA ALA A 689 1.26 -3.41 -15.22
C ALA A 689 2.18 -4.60 -15.41
N TYR A 690 3.28 -4.40 -16.11
CA TYR A 690 4.23 -5.48 -16.35
C TYR A 690 5.06 -5.78 -15.10
N ALA A 691 5.47 -4.74 -14.36
CA ALA A 691 6.16 -4.97 -13.10
C ALA A 691 5.23 -5.58 -12.06
N ASN A 692 3.95 -5.25 -12.13
CA ASN A 692 2.96 -5.90 -11.29
C ASN A 692 2.82 -7.38 -11.65
N SER A 693 2.95 -7.70 -12.93
CA SER A 693 2.94 -9.10 -13.36
C SER A 693 4.14 -9.87 -12.84
N VAL A 694 5.33 -9.24 -12.88
CA VAL A 694 6.53 -9.87 -12.32
C VAL A 694 6.37 -10.07 -10.82
N PHE A 695 5.81 -9.08 -10.12
CA PHE A 695 5.58 -9.18 -8.68
C PHE A 695 4.60 -10.30 -8.34
N ASN A 696 3.55 -10.45 -9.15
CA ASN A 696 2.57 -11.51 -8.93
C ASN A 696 3.17 -12.89 -9.13
N ILE A 697 3.95 -13.07 -10.20
CA ILE A 697 4.64 -14.33 -10.44
C ILE A 697 5.66 -14.63 -9.34
N CYS A 698 6.32 -13.58 -8.83
CA CYS A 698 7.28 -13.75 -7.75
C CYS A 698 6.63 -14.22 -6.46
N GLN A 699 5.49 -13.64 -6.10
CA GLN A 699 4.80 -14.07 -4.88
C GLN A 699 4.23 -15.46 -5.03
N ALA A 700 3.82 -15.84 -6.25
CA ALA A 700 3.32 -17.20 -6.46
C ALA A 700 4.43 -18.24 -6.38
N VAL A 701 5.59 -17.94 -6.96
CA VAL A 701 6.73 -18.86 -6.87
C VAL A 701 7.24 -18.96 -5.43
N THR A 702 7.21 -17.84 -4.70
CA THR A 702 7.61 -17.86 -3.29
C THR A 702 6.64 -18.70 -2.45
N ALA A 703 5.34 -18.61 -2.75
CA ALA A 703 4.37 -19.43 -2.04
C ALA A 703 4.54 -20.91 -2.36
N ASN A 704 4.93 -21.25 -3.59
CA ASN A 704 5.17 -22.65 -3.92
C ASN A 704 6.44 -23.19 -3.28
N VAL A 705 7.50 -22.37 -3.21
CA VAL A 705 8.73 -22.77 -2.52
C VAL A 705 8.47 -22.95 -1.02
N ASN A 706 7.71 -22.04 -0.42
CA ASN A 706 7.43 -22.16 1.01
C ASN A 706 6.44 -23.28 1.29
N ALA A 707 5.65 -23.68 0.29
CA ALA A 707 4.81 -24.86 0.45
C ALA A 707 5.63 -26.13 0.40
N LEU A 708 6.61 -26.19 -0.51
CA LEU A 708 7.36 -27.42 -0.69
C LEU A 708 8.43 -27.60 0.39
N LEU A 709 8.88 -26.51 1.00
CA LEU A 709 9.91 -26.66 2.03
C LEU A 709 9.31 -26.87 3.41
N SER A 710 8.07 -26.43 3.62
CA SER A 710 7.48 -26.55 4.95
C SER A 710 6.74 -27.86 5.12
N THR A 711 6.68 -28.68 4.09
CA THR A 711 6.06 -29.99 4.23
C THR A 711 7.06 -31.00 4.78
N ASP A 712 6.53 -31.99 5.50
CA ASP A 712 7.36 -33.04 6.08
C ASP A 712 7.90 -33.94 4.98
N GLY A 713 9.23 -34.03 4.90
CA GLY A 713 9.84 -34.83 3.85
C GLY A 713 9.69 -36.33 4.04
N ASN A 714 9.46 -36.78 5.27
CA ASN A 714 9.28 -38.21 5.52
C ASN A 714 7.94 -38.71 5.02
N LYS A 715 6.94 -37.83 4.89
CA LYS A 715 5.61 -38.25 4.53
C LYS A 715 5.25 -37.91 3.09
N ILE A 716 6.20 -37.42 2.30
CA ILE A 716 5.99 -37.26 0.86
C ILE A 716 6.12 -38.63 0.23
N ALA A 717 5.04 -39.09 -0.42
CA ALA A 717 5.01 -40.46 -0.93
C ALA A 717 5.82 -40.60 -2.21
N ASP A 718 5.72 -39.64 -3.13
CA ASP A 718 6.44 -39.70 -4.38
C ASP A 718 7.91 -39.40 -4.13
N LYS A 719 8.80 -40.26 -4.64
CA LYS A 719 10.22 -40.06 -4.43
C LYS A 719 10.79 -38.94 -5.30
N TYR A 720 10.14 -38.63 -6.42
CA TYR A 720 10.58 -37.50 -7.24
C TYR A 720 10.35 -36.18 -6.52
N VAL A 721 9.21 -36.04 -5.82
CA VAL A 721 8.93 -34.81 -5.09
C VAL A 721 9.83 -34.69 -3.87
N ARG A 722 10.18 -35.81 -3.26
CA ARG A 722 11.07 -35.78 -2.10
C ARG A 722 12.49 -35.39 -2.52
N ASN A 723 12.96 -35.94 -3.65
CA ASN A 723 14.25 -35.53 -4.18
C ASN A 723 14.23 -34.08 -4.65
N LEU A 724 13.07 -33.62 -5.14
CA LEU A 724 12.94 -32.22 -5.56
C LEU A 724 12.98 -31.28 -4.37
N GLN A 725 12.38 -31.68 -3.23
CA GLN A 725 12.43 -30.84 -2.03
C GLN A 725 13.84 -30.78 -1.47
N HIS A 726 14.55 -31.91 -1.49
CA HIS A 726 15.97 -31.94 -1.11
C HIS A 726 16.80 -31.01 -1.97
N ARG A 727 16.61 -31.08 -3.30
CA ARG A 727 17.37 -30.23 -4.21
C ARG A 727 16.97 -28.77 -4.07
N LEU A 728 15.72 -28.51 -3.69
CA LEU A 728 15.25 -27.15 -3.45
C LEU A 728 15.96 -26.52 -2.27
N TYR A 729 16.09 -27.26 -1.17
CA TYR A 729 16.85 -26.75 -0.03
C TYR A 729 18.32 -26.57 -0.39
N GLU A 730 18.88 -27.49 -1.19
CA GLU A 730 20.27 -27.34 -1.62
C GLU A 730 20.49 -26.09 -2.46
N CYS A 731 19.57 -25.80 -3.36
CA CYS A 731 19.74 -24.67 -4.25
C CYS A 731 19.42 -23.34 -3.56
N LEU A 732 18.58 -23.37 -2.53
CA LEU A 732 18.36 -22.14 -1.77
C LEU A 732 19.53 -21.84 -0.85
N TYR A 733 19.89 -22.77 0.04
CA TYR A 733 20.72 -22.39 1.17
C TYR A 733 22.14 -22.91 1.13
N ARG A 734 22.40 -24.03 0.46
CA ARG A 734 23.73 -24.63 0.46
C ARG A 734 24.57 -24.20 -0.73
N ASN A 735 23.98 -24.12 -1.91
CA ASN A 735 24.71 -23.76 -3.12
C ASN A 735 24.55 -22.27 -3.39
N ARG A 736 25.66 -21.62 -3.74
CA ARG A 736 25.67 -20.17 -3.95
C ARG A 736 25.48 -19.80 -5.41
N ASP A 737 25.98 -20.59 -6.35
CA ASP A 737 25.90 -20.29 -7.77
C ASP A 737 24.60 -20.82 -8.34
N VAL A 738 24.18 -20.24 -9.47
CA VAL A 738 22.91 -20.63 -10.08
C VAL A 738 23.04 -22.00 -10.72
N ASP A 739 22.13 -22.90 -10.35
CA ASP A 739 22.02 -24.22 -10.98
C ASP A 739 20.88 -24.13 -11.99
N THR A 740 21.23 -23.92 -13.26
CA THR A 740 20.22 -23.67 -14.28
C THR A 740 19.42 -24.93 -14.60
N ASP A 741 20.00 -26.11 -14.34
CA ASP A 741 19.27 -27.35 -14.60
C ASP A 741 18.17 -27.56 -13.56
N PHE A 742 18.42 -27.19 -12.31
CA PHE A 742 17.35 -27.30 -11.32
C PHE A 742 16.35 -26.16 -11.47
N VAL A 743 16.79 -25.00 -11.96
CA VAL A 743 15.85 -23.93 -12.24
C VAL A 743 14.90 -24.34 -13.37
N ASN A 744 15.43 -25.03 -14.38
CA ASN A 744 14.59 -25.59 -15.43
C ASN A 744 13.67 -26.69 -14.90
N GLU A 745 14.17 -27.53 -13.99
CA GLU A 745 13.37 -28.62 -13.46
C GLU A 745 12.24 -28.12 -12.57
N PHE A 746 12.53 -27.13 -11.72
CA PHE A 746 11.51 -26.55 -10.86
C PHE A 746 10.50 -25.75 -11.68
N TYR A 747 10.96 -25.08 -12.74
CA TYR A 747 10.05 -24.37 -13.63
C TYR A 747 9.11 -25.34 -14.34
N ALA A 748 9.63 -26.49 -14.80
CA ALA A 748 8.79 -27.47 -15.47
C ALA A 748 7.79 -28.10 -14.50
N TYR A 749 8.21 -28.30 -13.25
CA TYR A 749 7.31 -28.77 -12.21
C TYR A 749 6.19 -27.76 -11.95
N LEU A 750 6.53 -26.47 -11.94
CA LEU A 750 5.52 -25.45 -11.72
C LEU A 750 4.56 -25.35 -12.89
N ARG A 751 5.08 -25.42 -14.13
CA ARG A 751 4.20 -25.37 -15.30
C ARG A 751 3.33 -26.62 -15.41
N LYS A 752 3.78 -27.73 -14.81
CA LYS A 752 2.95 -28.94 -14.85
C LYS A 752 1.87 -28.92 -13.78
N HIS A 753 2.18 -28.42 -12.58
CA HIS A 753 1.22 -28.56 -11.48
C HIS A 753 0.65 -27.25 -10.96
N PHE A 754 1.16 -26.10 -11.39
CA PHE A 754 0.67 -24.80 -10.94
C PHE A 754 0.60 -23.87 -12.16
N SER A 755 -0.50 -23.95 -12.90
CA SER A 755 -0.62 -23.22 -14.15
C SER A 755 -1.26 -21.86 -13.92
N MET A 756 -0.59 -20.80 -14.34
CA MET A 756 -0.96 -19.45 -13.98
C MET A 756 -1.49 -18.67 -15.19
N MET A 757 -2.20 -17.59 -14.89
CA MET A 757 -2.65 -16.61 -15.87
C MET A 757 -2.60 -15.25 -15.19
N ILE A 758 -1.66 -14.41 -15.60
CA ILE A 758 -1.30 -13.20 -14.86
C ILE A 758 -1.67 -11.99 -15.71
N LEU A 759 -2.40 -11.05 -15.11
CA LEU A 759 -2.57 -9.73 -15.69
C LEU A 759 -2.54 -8.69 -14.57
N SER A 760 -1.33 -8.25 -14.21
CA SER A 760 -1.07 -7.02 -13.45
C SER A 760 -1.76 -7.02 -12.08
N ASP A 761 -1.37 -7.98 -11.25
CA ASP A 761 -1.83 -8.37 -9.89
C ASP A 761 -3.19 -9.09 -9.88
N ASP A 762 -3.78 -9.38 -11.02
CA ASP A 762 -4.93 -10.27 -11.11
C ASP A 762 -4.45 -11.61 -11.62
N ALA A 763 -4.91 -12.69 -10.99
CA ALA A 763 -4.38 -14.02 -11.29
C ALA A 763 -5.42 -15.10 -11.14
N VAL A 764 -5.36 -16.08 -12.04
CA VAL A 764 -6.13 -17.32 -11.97
C VAL A 764 -5.14 -18.47 -12.05
N VAL A 765 -5.24 -19.42 -11.13
CA VAL A 765 -4.34 -20.57 -11.11
C VAL A 765 -5.15 -21.85 -11.24
N CYS A 766 -4.81 -22.66 -12.22
CA CYS A 766 -5.22 -24.05 -12.28
C CYS A 766 -4.13 -24.90 -11.67
N PHE A 767 -4.44 -25.56 -10.55
CA PHE A 767 -3.44 -26.27 -9.77
C PHE A 767 -3.89 -27.70 -9.53
N ASN A 768 -2.91 -28.58 -9.33
CA ASN A 768 -3.17 -29.97 -8.97
C ASN A 768 -3.68 -30.03 -7.55
N SER A 769 -4.88 -30.58 -7.36
CA SER A 769 -5.54 -30.51 -6.06
C SER A 769 -4.92 -31.50 -5.07
N THR A 770 -4.48 -32.66 -5.57
CA THR A 770 -3.92 -33.68 -4.70
C THR A 770 -2.57 -33.25 -4.14
N TYR A 771 -1.76 -32.60 -4.97
CA TYR A 771 -0.49 -32.03 -4.52
C TYR A 771 -0.71 -30.92 -3.51
N ALA A 772 -1.78 -30.15 -3.66
CA ALA A 772 -2.05 -29.06 -2.74
C ALA A 772 -2.56 -29.58 -1.41
N SER A 773 -3.35 -30.65 -1.42
CA SER A 773 -3.79 -31.24 -0.15
C SER A 773 -2.65 -31.98 0.53
N GLN A 774 -1.71 -32.49 -0.24
CA GLN A 774 -0.48 -33.05 0.32
C GLN A 774 0.56 -32.00 0.65
N GLY A 775 0.38 -30.77 0.17
CA GLY A 775 1.30 -29.70 0.43
C GLY A 775 2.43 -29.54 -0.56
N LEU A 776 2.29 -30.09 -1.78
CA LEU A 776 3.41 -30.07 -2.71
C LEU A 776 3.35 -28.86 -3.62
N VAL A 777 2.16 -28.31 -3.85
CA VAL A 777 2.03 -27.01 -4.48
C VAL A 777 1.32 -26.09 -3.48
N ALA A 778 1.34 -24.80 -3.79
CA ALA A 778 0.80 -23.81 -2.88
C ALA A 778 -0.73 -23.84 -2.85
N SER A 779 -1.29 -23.26 -1.80
CA SER A 779 -2.72 -23.05 -1.67
C SER A 779 -2.94 -21.64 -1.14
N ILE A 780 -4.18 -21.37 -0.71
CA ILE A 780 -4.54 -20.04 -0.21
C ILE A 780 -3.81 -19.75 1.11
N LYS A 781 -3.59 -20.78 1.92
CA LYS A 781 -2.92 -20.63 3.20
C LYS A 781 -1.46 -20.23 3.03
N ASN A 782 -0.79 -20.79 2.00
CA ASN A 782 0.59 -20.44 1.73
C ASN A 782 0.71 -19.02 1.21
N PHE A 783 -0.26 -18.58 0.41
CA PHE A 783 -0.28 -17.20 -0.06
C PHE A 783 -0.52 -16.23 1.08
N LYS A 784 -1.38 -16.60 2.03
CA LYS A 784 -1.64 -15.76 3.19
C LYS A 784 -0.38 -15.62 4.05
N SER A 785 0.36 -16.71 4.23
CA SER A 785 1.61 -16.66 4.99
C SER A 785 2.66 -15.80 4.30
N VAL A 786 2.81 -15.97 2.98
CA VAL A 786 3.82 -15.22 2.22
C VAL A 786 3.48 -13.73 2.20
N LEU A 787 2.21 -13.39 2.04
CA LEU A 787 1.80 -11.99 2.06
C LEU A 787 1.93 -11.39 3.45
N TYR A 788 1.80 -12.21 4.50
CA TYR A 788 2.01 -11.71 5.84
C TYR A 788 3.48 -11.36 6.08
N TYR A 789 4.39 -12.29 5.82
CA TYR A 789 5.78 -12.01 6.19
C TYR A 789 6.53 -11.21 5.15
N GLN A 790 6.05 -11.15 3.92
CA GLN A 790 6.77 -10.50 2.83
C GLN A 790 6.10 -9.21 2.36
N ASN A 791 4.79 -9.23 2.20
CA ASN A 791 4.06 -8.08 1.67
C ASN A 791 3.51 -7.17 2.75
N ASN A 792 3.64 -7.55 4.02
CA ASN A 792 3.23 -6.76 5.20
C ASN A 792 1.74 -6.45 5.21
N VAL A 793 0.94 -7.34 4.64
CA VAL A 793 -0.51 -7.21 4.65
C VAL A 793 -1.11 -8.52 5.10
N PHE A 794 -2.38 -8.46 5.48
CA PHE A 794 -3.14 -9.66 5.81
C PHE A 794 -4.18 -9.86 4.71
N MET A 795 -4.15 -11.04 4.10
CA MET A 795 -5.07 -11.41 3.03
C MET A 795 -6.11 -12.35 3.62
N SER A 796 -7.34 -11.88 3.76
CA SER A 796 -8.40 -12.70 4.29
C SER A 796 -8.91 -13.66 3.22
N GLU A 797 -9.39 -14.83 3.66
CA GLU A 797 -9.83 -15.86 2.73
C GLU A 797 -11.19 -15.54 2.11
N ALA A 798 -11.86 -14.48 2.58
CA ALA A 798 -13.11 -14.07 1.96
C ALA A 798 -12.87 -13.36 0.64
N LYS A 799 -11.72 -12.70 0.49
CA LYS A 799 -11.39 -12.05 -0.78
C LYS A 799 -10.91 -13.06 -1.80
N CYS A 800 -10.51 -14.24 -1.36
CA CYS A 800 -10.07 -15.29 -2.27
C CYS A 800 -11.24 -16.16 -2.69
N TRP A 801 -11.05 -16.92 -3.77
CA TRP A 801 -12.07 -17.83 -4.25
C TRP A 801 -11.42 -19.14 -4.69
N THR A 802 -12.24 -20.18 -4.75
CA THR A 802 -11.81 -21.50 -5.22
C THR A 802 -12.97 -22.13 -5.98
N GLU A 803 -12.68 -22.65 -7.16
CA GLU A 803 -13.68 -23.31 -8.00
C GLU A 803 -13.26 -24.74 -8.22
N THR A 804 -14.04 -25.67 -7.67
CA THR A 804 -13.71 -27.09 -7.80
C THR A 804 -14.24 -27.71 -9.07
N ASP A 805 -15.18 -27.05 -9.75
CA ASP A 805 -15.78 -27.54 -10.98
C ASP A 805 -15.33 -26.68 -12.13
N LEU A 806 -14.48 -27.23 -13.01
CA LEU A 806 -13.93 -26.44 -14.11
C LEU A 806 -14.90 -26.28 -15.27
N THR A 807 -16.07 -26.90 -15.21
CA THR A 807 -17.13 -26.58 -16.16
C THR A 807 -17.54 -25.12 -16.04
N LYS A 808 -17.85 -24.69 -14.82
CA LYS A 808 -17.89 -23.27 -14.53
C LYS A 808 -16.47 -22.72 -14.55
N GLY A 809 -16.32 -21.49 -15.00
CA GLY A 809 -15.01 -20.93 -15.19
C GLY A 809 -14.37 -20.43 -13.90
N PRO A 810 -13.38 -19.56 -14.04
CA PRO A 810 -12.92 -18.79 -12.89
C PRO A 810 -14.03 -17.92 -12.34
N HIS A 811 -14.02 -17.71 -11.01
CA HIS A 811 -15.09 -17.00 -10.37
C HIS A 811 -15.13 -15.53 -10.77
N GLU A 812 -13.93 -14.93 -10.85
CA GLU A 812 -13.79 -13.54 -11.33
C GLU A 812 -12.37 -13.34 -11.88
N PHE A 813 -12.24 -12.70 -13.04
CA PHE A 813 -10.93 -12.34 -13.56
C PHE A 813 -11.09 -11.05 -14.35
N CYS A 814 -10.36 -10.01 -13.94
CA CYS A 814 -10.52 -8.64 -14.44
C CYS A 814 -11.96 -8.17 -14.30
N SER A 815 -12.59 -8.56 -13.19
CA SER A 815 -13.97 -8.25 -12.83
C SER A 815 -14.99 -8.76 -13.85
N GLN A 816 -14.67 -9.86 -14.52
CA GLN A 816 -15.60 -10.51 -15.43
C GLN A 816 -15.86 -11.94 -14.94
N HIS A 817 -17.12 -12.35 -14.96
CA HIS A 817 -17.41 -13.74 -14.66
C HIS A 817 -17.35 -14.55 -15.95
N THR A 818 -17.65 -15.85 -15.83
CA THR A 818 -17.50 -16.78 -16.94
C THR A 818 -18.65 -17.76 -16.96
N MET A 819 -19.18 -18.02 -18.16
CA MET A 819 -20.23 -19.00 -18.37
C MET A 819 -19.85 -19.90 -19.53
N LEU A 820 -20.33 -21.15 -19.49
CA LEU A 820 -20.17 -22.08 -20.60
C LEU A 820 -21.38 -21.96 -21.50
N VAL A 821 -21.15 -21.62 -22.76
CA VAL A 821 -22.20 -21.21 -23.69
C VAL A 821 -22.11 -22.09 -24.93
N LYS A 822 -23.23 -22.69 -25.31
CA LYS A 822 -23.34 -23.35 -26.60
C LYS A 822 -23.32 -22.29 -27.69
N GLN A 823 -22.21 -22.22 -28.43
CA GLN A 823 -22.04 -21.26 -29.51
C GLN A 823 -21.77 -22.04 -30.79
N GLY A 824 -22.76 -22.11 -31.66
CA GLY A 824 -22.62 -22.92 -32.85
C GLY A 824 -22.79 -24.39 -32.50
N ASP A 825 -21.74 -25.17 -32.76
CA ASP A 825 -21.76 -26.60 -32.51
C ASP A 825 -21.02 -27.00 -31.24
N ASP A 826 -20.26 -26.08 -30.65
CA ASP A 826 -19.40 -26.39 -29.52
C ASP A 826 -19.71 -25.46 -28.35
N TYR A 827 -19.04 -25.72 -27.23
CA TYR A 827 -19.22 -24.94 -26.01
C TYR A 827 -17.99 -24.07 -25.79
N VAL A 828 -18.20 -22.77 -25.62
CA VAL A 828 -17.12 -21.83 -25.38
C VAL A 828 -17.35 -21.13 -24.04
N TYR A 829 -16.31 -20.47 -23.56
CA TYR A 829 -16.38 -19.65 -22.36
C TYR A 829 -16.57 -18.19 -22.75
N LEU A 830 -17.58 -17.56 -22.17
CA LEU A 830 -17.89 -16.18 -22.49
C LEU A 830 -17.71 -15.31 -21.24
N PRO A 831 -17.09 -14.14 -21.37
CA PRO A 831 -16.98 -13.25 -20.22
C PRO A 831 -18.16 -12.30 -20.09
N TYR A 832 -18.80 -12.26 -18.94
CA TYR A 832 -19.88 -11.31 -18.74
C TYR A 832 -19.60 -10.45 -17.52
N PRO A 833 -19.98 -9.17 -17.54
CA PRO A 833 -19.72 -8.33 -16.38
C PRO A 833 -20.90 -8.31 -15.41
N ASP A 834 -20.67 -7.68 -14.27
CA ASP A 834 -21.73 -7.50 -13.30
C ASP A 834 -22.76 -6.51 -13.87
N PRO A 835 -24.05 -6.85 -13.84
CA PRO A 835 -25.04 -5.98 -14.53
C PRO A 835 -25.25 -4.65 -13.85
N SER A 836 -24.94 -4.55 -12.56
CA SER A 836 -24.94 -3.29 -11.86
C SER A 836 -23.95 -2.31 -12.47
N ARG A 837 -22.79 -2.82 -12.87
CA ARG A 837 -21.78 -1.98 -13.51
C ARG A 837 -22.25 -1.46 -14.86
N ILE A 838 -22.92 -2.32 -15.62
CA ILE A 838 -23.42 -1.94 -16.94
C ILE A 838 -24.55 -0.93 -16.83
N LEU A 839 -25.46 -1.14 -15.87
CA LEU A 839 -26.55 -0.18 -15.70
C LEU A 839 -26.07 1.13 -15.09
N GLY A 840 -25.06 1.07 -14.23
CA GLY A 840 -24.53 2.29 -13.66
C GLY A 840 -23.75 3.12 -14.67
N ALA A 841 -23.15 2.47 -15.67
CA ALA A 841 -22.51 3.21 -16.74
C ALA A 841 -23.52 3.91 -17.63
N GLY A 842 -24.73 3.33 -17.75
CA GLY A 842 -25.75 3.97 -18.56
C GLY A 842 -26.54 5.02 -17.80
N CYS A 843 -26.60 4.89 -16.47
CA CYS A 843 -27.41 5.81 -15.68
C CYS A 843 -26.61 7.01 -15.18
N PHE A 844 -25.29 6.89 -15.07
CA PHE A 844 -24.46 7.95 -14.52
C PHE A 844 -23.25 8.19 -15.40
N VAL A 845 -23.06 9.44 -15.82
CA VAL A 845 -21.96 9.85 -16.68
C VAL A 845 -21.20 10.98 -16.00
N ASP A 846 -20.00 11.24 -16.51
CA ASP A 846 -19.13 12.24 -15.90
C ASP A 846 -19.13 13.58 -16.62
N ASP A 847 -19.93 13.74 -17.66
CA ASP A 847 -20.07 15.01 -18.36
C ASP A 847 -21.54 15.18 -18.70
N ILE A 848 -22.00 16.43 -18.71
CA ILE A 848 -23.41 16.76 -19.02
C ILE A 848 -23.61 16.68 -20.53
N VAL A 849 -22.55 16.39 -21.29
CA VAL A 849 -22.61 16.31 -22.78
C VAL A 849 -22.86 14.86 -23.21
N LYS A 850 -23.10 13.97 -22.24
CA LYS A 850 -23.29 12.52 -22.53
C LYS A 850 -24.71 12.12 -22.12
N THR A 851 -25.64 13.00 -22.28
CA THR A 851 -27.04 12.66 -22.02
C THR A 851 -27.98 13.25 -23.08
N ASP A 852 -27.63 13.08 -24.35
CA ASP A 852 -28.41 13.62 -25.46
C ASP A 852 -28.35 12.61 -26.60
N GLY A 853 -28.65 13.05 -27.82
CA GLY A 853 -28.60 12.10 -28.92
C GLY A 853 -27.38 12.23 -29.81
N THR A 854 -26.29 12.80 -29.31
CA THR A 854 -25.12 13.09 -30.14
C THR A 854 -24.01 12.05 -30.00
N LEU A 855 -23.50 11.91 -28.79
CA LEU A 855 -22.41 11.00 -28.48
C LEU A 855 -22.91 9.72 -27.84
N MET A 856 -24.16 9.69 -27.43
CA MET A 856 -24.65 8.64 -26.54
C MET A 856 -24.99 7.37 -27.32
N ILE A 857 -25.02 7.45 -28.65
CA ILE A 857 -25.29 6.25 -29.44
C ILE A 857 -24.05 5.35 -29.45
N GLU A 858 -22.89 5.92 -29.77
CA GLU A 858 -21.67 5.12 -29.77
C GLU A 858 -21.22 4.73 -28.37
N ARG A 859 -21.68 5.44 -27.35
CA ARG A 859 -21.44 5.05 -25.97
C ARG A 859 -22.29 3.86 -25.59
N PHE A 860 -23.52 3.93 -26.02
CA PHE A 860 -24.41 2.81 -25.61
C PHE A 860 -24.09 1.56 -26.43
N VAL A 861 -23.56 1.75 -27.64
CA VAL A 861 -23.17 0.57 -28.47
C VAL A 861 -22.05 -0.16 -27.73
N SER A 862 -21.00 0.58 -27.34
CA SER A 862 -19.88 -0.02 -26.62
C SER A 862 -20.33 -0.74 -25.34
N LEU A 863 -21.28 -0.13 -24.62
CA LEU A 863 -21.80 -0.77 -23.41
C LEU A 863 -22.63 -2.01 -23.73
N ALA A 864 -23.30 -2.03 -24.89
CA ALA A 864 -24.06 -3.22 -25.27
C ALA A 864 -23.14 -4.32 -25.77
N ILE A 865 -22.01 -3.96 -26.38
CA ILE A 865 -20.99 -4.95 -26.73
C ILE A 865 -20.45 -5.61 -25.48
N ASP A 866 -20.14 -4.81 -24.46
CA ASP A 866 -19.66 -5.38 -23.20
C ASP A 866 -20.76 -6.08 -22.43
N ALA A 867 -22.02 -5.76 -22.70
CA ALA A 867 -23.13 -6.37 -21.99
C ALA A 867 -23.81 -7.52 -22.72
N TYR A 868 -23.38 -7.85 -23.94
CA TYR A 868 -24.02 -8.93 -24.69
C TYR A 868 -24.03 -10.31 -24.02
N PRO A 869 -22.94 -10.85 -23.43
CA PRO A 869 -23.00 -12.27 -23.00
C PRO A 869 -23.89 -12.54 -21.80
N LEU A 870 -24.60 -11.53 -21.29
CA LEU A 870 -25.59 -11.74 -20.25
C LEU A 870 -26.85 -12.43 -20.78
N THR A 871 -27.02 -12.51 -22.10
CA THR A 871 -28.22 -13.12 -22.67
C THR A 871 -28.23 -14.63 -22.48
N LYS A 872 -27.07 -15.23 -22.29
CA LYS A 872 -27.01 -16.66 -22.06
C LYS A 872 -27.13 -17.01 -20.58
N HIS A 873 -27.30 -16.02 -19.71
CA HIS A 873 -27.42 -16.27 -18.29
C HIS A 873 -28.77 -16.88 -17.97
N PRO A 874 -28.84 -17.79 -16.99
CA PRO A 874 -30.16 -18.34 -16.61
C PRO A 874 -31.06 -17.33 -15.92
N ASN A 875 -30.49 -16.30 -15.29
CA ASN A 875 -31.30 -15.26 -14.67
C ASN A 875 -31.92 -14.37 -15.75
N GLN A 876 -33.21 -14.09 -15.60
CA GLN A 876 -33.94 -13.43 -16.68
C GLN A 876 -33.65 -11.93 -16.73
N GLU A 877 -33.50 -11.28 -15.58
CA GLU A 877 -33.22 -9.84 -15.57
C GLU A 877 -31.81 -9.57 -16.08
N TYR A 878 -30.88 -10.48 -15.78
CA TYR A 878 -29.53 -10.43 -16.34
C TYR A 878 -29.57 -10.41 -17.86
N ALA A 879 -30.39 -11.29 -18.45
CA ALA A 879 -30.52 -11.32 -19.91
C ALA A 879 -31.25 -10.10 -20.42
N ASP A 880 -32.16 -9.55 -19.62
CA ASP A 880 -32.97 -8.43 -20.10
C ASP A 880 -32.18 -7.11 -20.09
N VAL A 881 -31.03 -7.08 -19.40
CA VAL A 881 -30.15 -5.92 -19.47
C VAL A 881 -29.72 -5.61 -20.92
N PHE A 882 -29.34 -6.65 -21.67
CA PHE A 882 -28.90 -6.44 -23.04
C PHE A 882 -30.05 -6.02 -23.93
N HIS A 883 -31.23 -6.60 -23.72
CA HIS A 883 -32.39 -6.22 -24.54
C HIS A 883 -32.85 -4.81 -24.22
N LEU A 884 -32.64 -4.35 -22.98
CA LEU A 884 -32.91 -2.96 -22.64
C LEU A 884 -31.97 -2.02 -23.37
N TYR A 885 -30.67 -2.36 -23.40
CA TYR A 885 -29.71 -1.52 -24.12
C TYR A 885 -29.99 -1.51 -25.62
N LEU A 886 -30.50 -2.63 -26.13
CA LEU A 886 -30.82 -2.74 -27.55
C LEU A 886 -32.04 -1.90 -27.91
N GLN A 887 -33.09 -1.97 -27.09
CA GLN A 887 -34.29 -1.16 -27.30
C GLN A 887 -33.97 0.33 -27.16
N TYR A 888 -33.05 0.67 -26.27
CA TYR A 888 -32.70 2.09 -26.11
C TYR A 888 -31.84 2.59 -27.27
N ILE A 889 -31.03 1.71 -27.85
CA ILE A 889 -30.27 2.09 -29.04
C ILE A 889 -31.21 2.32 -30.22
N ARG A 890 -32.29 1.53 -30.30
CA ARG A 890 -33.36 1.83 -31.26
C ARG A 890 -34.00 3.19 -31.01
N LYS A 891 -34.37 3.46 -29.76
CA LYS A 891 -35.04 4.72 -29.41
C LYS A 891 -34.16 5.93 -29.68
N LEU A 892 -32.84 5.78 -29.53
CA LEU A 892 -31.95 6.85 -29.94
C LEU A 892 -31.79 6.90 -31.45
N HIS A 893 -31.95 5.75 -32.12
CA HIS A 893 -31.68 5.68 -33.55
C HIS A 893 -32.80 6.32 -34.36
N ASP A 894 -34.04 6.30 -33.85
CA ASP A 894 -35.13 6.96 -34.57
C ASP A 894 -35.49 8.34 -34.01
N GLU A 895 -34.81 8.81 -32.97
CA GLU A 895 -35.04 10.16 -32.46
C GLU A 895 -34.09 11.18 -33.07
N LEU A 896 -33.57 10.90 -34.26
CA LEU A 896 -32.79 11.86 -35.01
C LEU A 896 -32.93 11.56 -36.50
N ARG A 915 -26.26 -0.71 -38.36
CA ARG A 915 -26.45 -2.16 -38.29
C ARG A 915 -26.51 -2.66 -36.86
N TYR A 916 -26.20 -1.73 -35.94
CA TYR A 916 -26.07 -1.94 -34.47
C TYR A 916 -27.36 -2.37 -33.77
N TRP A 917 -28.51 -1.78 -34.10
CA TRP A 917 -29.72 -2.15 -33.31
C TRP A 917 -30.07 -3.65 -33.44
N GLU A 918 -29.80 -4.25 -34.60
CA GLU A 918 -30.07 -5.70 -34.80
C GLU A 918 -29.13 -6.48 -33.87
N PRO A 919 -29.60 -7.57 -33.21
CA PRO A 919 -28.77 -8.34 -32.29
C PRO A 919 -27.58 -9.14 -32.85
N GLU A 920 -27.62 -9.49 -34.15
CA GLU A 920 -26.57 -10.32 -34.80
C GLU A 920 -25.19 -9.65 -34.74
N PHE A 921 -25.13 -8.31 -34.81
CA PHE A 921 -23.84 -7.58 -34.80
C PHE A 921 -23.07 -7.88 -33.50
N TYR A 922 -23.77 -7.90 -32.37
CA TYR A 922 -23.15 -8.17 -31.04
C TYR A 922 -22.63 -9.61 -30.97
N GLU A 923 -23.37 -10.57 -31.54
CA GLU A 923 -22.95 -12.00 -31.49
C GLU A 923 -21.59 -12.15 -32.18
N ALA A 924 -21.38 -11.44 -33.29
CA ALA A 924 -20.14 -11.56 -34.06
C ALA A 924 -18.92 -11.13 -33.25
N MET A 925 -19.11 -10.48 -32.11
CA MET A 925 -17.97 -10.00 -31.34
C MET A 925 -17.36 -11.09 -30.47
N TYR A 926 -18.07 -12.21 -30.30
CA TYR A 926 -17.60 -13.26 -29.41
C TYR A 926 -17.39 -14.58 -30.13
N THR A 927 -17.61 -14.64 -31.43
CA THR A 927 -17.37 -15.87 -32.17
C THR A 927 -15.90 -15.90 -32.63
N PRO A 928 -15.29 -17.10 -32.72
CA PRO A 928 -13.83 -17.17 -32.89
C PRO A 928 -13.29 -16.60 -34.19
N HIS A 929 -14.07 -16.55 -35.26
CA HIS A 929 -13.57 -15.96 -36.50
C HIS A 929 -13.56 -14.45 -36.38
N THR A 930 -12.36 -13.87 -36.44
CA THR A 930 -12.17 -12.44 -36.22
C THR A 930 -12.71 -11.62 -37.39
N ASP B 79 10.11 26.68 -33.83
CA ASP B 79 8.80 27.30 -33.79
C ASP B 79 8.30 27.43 -32.35
N LYS B 80 7.53 26.42 -31.90
CA LYS B 80 7.03 26.43 -30.53
C LYS B 80 8.11 26.01 -29.53
N ARG B 81 9.26 25.56 -30.02
CA ARG B 81 10.41 25.25 -29.17
C ARG B 81 10.92 26.50 -28.45
N ALA B 82 10.88 27.65 -29.13
CA ALA B 82 11.40 28.89 -28.55
C ALA B 82 10.57 29.36 -27.37
N LYS B 83 9.24 29.20 -27.45
CA LYS B 83 8.37 29.64 -26.38
C LYS B 83 8.56 28.79 -25.12
N VAL B 84 8.67 27.47 -25.28
CA VAL B 84 8.80 26.62 -24.12
C VAL B 84 10.21 26.71 -23.53
N THR B 85 11.23 26.96 -24.37
CA THR B 85 12.56 27.11 -23.80
C THR B 85 12.72 28.46 -23.10
N SER B 86 12.02 29.50 -23.58
CA SER B 86 12.07 30.78 -22.89
C SER B 86 11.26 30.74 -21.60
N ALA B 87 10.16 29.97 -21.60
CA ALA B 87 9.36 29.82 -20.39
C ALA B 87 10.11 29.02 -19.32
N MET B 88 10.83 27.97 -19.75
CA MET B 88 11.66 27.21 -18.82
C MET B 88 12.78 28.07 -18.26
N GLN B 89 13.44 28.84 -19.14
CA GLN B 89 14.56 29.70 -18.70
C GLN B 89 14.06 30.79 -17.74
N THR B 90 12.91 31.41 -18.05
CA THR B 90 12.35 32.49 -17.19
C THR B 90 11.96 31.97 -15.81
N MET B 91 11.28 30.82 -15.75
CA MET B 91 10.83 30.24 -14.44
C MET B 91 12.05 29.84 -13.60
N LEU B 92 13.06 29.26 -14.22
CA LEU B 92 14.23 28.75 -13.53
C LEU B 92 15.10 29.86 -12.97
N PHE B 93 14.97 31.07 -13.50
CA PHE B 93 15.75 32.21 -13.05
C PHE B 93 15.09 32.95 -11.90
N THR B 94 13.75 33.08 -11.93
CA THR B 94 13.07 33.77 -10.84
C THR B 94 12.97 32.93 -9.58
N MET B 95 13.26 31.63 -9.66
CA MET B 95 13.46 30.85 -8.46
C MET B 95 14.78 31.18 -7.78
N LEU B 96 15.72 31.81 -8.49
CA LEU B 96 16.95 32.30 -7.86
C LEU B 96 16.76 33.70 -7.27
N ARG B 97 15.81 34.48 -7.79
CA ARG B 97 15.43 35.71 -7.12
C ARG B 97 14.68 35.42 -5.84
N LYS B 98 14.01 34.28 -5.77
CA LYS B 98 13.36 33.83 -4.55
C LYS B 98 14.35 33.22 -3.57
N LEU B 99 15.50 32.77 -4.06
CA LEU B 99 16.43 31.99 -3.26
C LEU B 99 17.16 32.86 -2.25
N ASP B 100 17.39 32.30 -1.06
CA ASP B 100 17.90 33.02 0.10
C ASP B 100 19.34 33.49 -0.04
N ASN B 101 20.20 32.64 -0.60
CA ASN B 101 21.54 32.96 -1.12
C ASN B 101 22.58 33.33 -0.05
N ASP B 102 22.23 33.46 1.22
CA ASP B 102 23.28 33.75 2.19
C ASP B 102 23.32 32.74 3.33
N ALA B 103 22.15 32.29 3.80
CA ALA B 103 22.13 31.13 4.67
C ALA B 103 22.26 29.84 3.87
N LEU B 104 22.00 29.89 2.57
CA LEU B 104 22.26 28.76 1.70
C LEU B 104 23.76 28.52 1.56
N ASN B 105 24.53 29.60 1.49
CA ASN B 105 25.98 29.47 1.33
C ASN B 105 26.64 28.97 2.61
N ASN B 106 26.04 29.28 3.76
CA ASN B 106 26.64 28.87 5.03
C ASN B 106 26.50 27.37 5.26
N ILE B 107 25.47 26.75 4.67
CA ILE B 107 25.39 25.29 4.74
C ILE B 107 26.04 24.61 3.54
N ILE B 108 26.11 25.28 2.38
CA ILE B 108 26.69 24.65 1.19
C ILE B 108 28.21 24.61 1.25
N ASN B 109 28.83 25.38 2.15
CA ASN B 109 30.29 25.42 2.28
C ASN B 109 30.79 24.84 3.59
N ASN B 110 29.86 24.45 4.46
CA ASN B 110 30.23 23.74 5.72
C ASN B 110 30.26 22.23 5.42
N ALA B 111 29.79 21.84 4.23
CA ALA B 111 29.75 20.43 3.78
C ALA B 111 31.16 19.93 3.43
N ARG B 112 31.38 18.63 3.58
CA ARG B 112 32.69 17.97 3.30
C ARG B 112 33.03 18.09 1.81
N ASP B 113 32.04 17.92 0.92
CA ASP B 113 32.31 17.92 -0.54
C ASP B 113 31.44 18.97 -1.25
N GLY B 114 30.98 19.99 -0.52
CA GLY B 114 30.15 20.99 -1.14
C GLY B 114 28.81 20.47 -1.59
N CYS B 115 28.40 19.32 -1.06
CA CYS B 115 27.23 18.59 -1.53
C CYS B 115 26.40 18.21 -0.32
N VAL B 116 25.16 18.69 -0.27
CA VAL B 116 24.29 18.50 0.89
C VAL B 116 23.02 17.80 0.45
N PRO B 117 22.34 17.12 1.37
CA PRO B 117 21.02 16.55 1.02
C PRO B 117 20.00 17.64 0.72
N LEU B 118 18.97 17.27 -0.04
CA LEU B 118 17.96 18.24 -0.44
C LEU B 118 16.96 18.47 0.68
N ASN B 119 16.72 17.45 1.51
CA ASN B 119 15.68 17.53 2.53
C ASN B 119 16.05 18.49 3.65
N ILE B 120 17.32 18.86 3.75
CA ILE B 120 17.73 19.83 4.75
C ILE B 120 17.83 21.24 4.18
N ILE B 121 17.57 21.43 2.89
CA ILE B 121 17.66 22.78 2.32
C ILE B 121 16.49 23.67 2.76
N PRO B 122 15.21 23.26 2.67
CA PRO B 122 14.19 24.13 3.27
C PRO B 122 14.10 24.01 4.77
N LEU B 123 14.80 23.03 5.36
CA LEU B 123 14.74 22.83 6.80
C LEU B 123 15.62 23.83 7.55
N THR B 124 16.71 24.28 6.92
CA THR B 124 17.64 25.17 7.58
C THR B 124 17.75 26.54 6.94
N THR B 125 17.18 26.76 5.76
CA THR B 125 17.37 28.00 5.04
C THR B 125 16.08 28.78 4.82
N ALA B 126 14.94 28.09 4.67
CA ALA B 126 13.69 28.74 4.30
C ALA B 126 13.16 29.62 5.43
N ALA B 127 12.85 30.87 5.10
CA ALA B 127 12.48 31.84 6.12
C ALA B 127 11.03 31.72 6.50
N LYS B 128 10.22 31.07 5.67
CA LYS B 128 8.79 30.94 5.87
C LYS B 128 8.46 29.48 6.11
N LEU B 129 7.60 29.22 7.10
CA LEU B 129 7.16 27.87 7.42
C LEU B 129 5.65 27.83 7.39
N MET B 130 5.09 26.76 6.83
CA MET B 130 3.65 26.55 6.77
C MET B 130 3.32 25.27 7.53
N VAL B 131 2.40 25.37 8.48
CA VAL B 131 1.98 24.22 9.28
C VAL B 131 0.49 23.99 9.03
N VAL B 132 0.17 22.81 8.52
CA VAL B 132 -1.21 22.40 8.27
C VAL B 132 -1.65 21.54 9.45
N ILE B 133 -2.72 21.93 10.11
CA ILE B 133 -3.09 21.40 11.41
C ILE B 133 -4.51 20.83 11.34
N PRO B 134 -4.70 19.52 11.54
CA PRO B 134 -6.03 18.93 11.30
C PRO B 134 -7.06 19.22 12.39
N ASP B 135 -6.68 19.19 13.67
CA ASP B 135 -7.65 19.39 14.74
C ASP B 135 -7.03 20.27 15.82
N TYR B 136 -7.70 20.35 16.97
CA TYR B 136 -7.28 21.30 18.00
C TYR B 136 -6.14 20.75 18.83
N ASN B 137 -6.13 19.43 19.06
CA ASN B 137 -5.05 18.80 19.82
C ASN B 137 -3.70 18.98 19.13
N THR B 138 -3.70 18.88 17.80
CA THR B 138 -2.48 19.13 17.04
C THR B 138 -2.07 20.59 17.12
N TYR B 139 -3.03 21.50 17.22
CA TYR B 139 -2.70 22.92 17.35
C TYR B 139 -2.06 23.22 18.71
N LYS B 140 -2.62 22.65 19.78
CA LYS B 140 -2.06 22.93 21.09
C LYS B 140 -0.74 22.19 21.30
N ASN B 141 -0.51 21.10 20.57
CA ASN B 141 0.76 20.42 20.68
C ASN B 141 1.82 21.03 19.75
N THR B 142 1.40 21.77 18.72
CA THR B 142 2.33 22.21 17.71
C THR B 142 2.58 23.73 17.71
N CYS B 143 1.52 24.53 17.68
CA CYS B 143 1.65 25.97 17.52
C CYS B 143 0.89 26.72 18.60
N ASP B 144 0.96 26.24 19.84
CA ASP B 144 0.34 26.97 20.93
C ASP B 144 1.22 28.13 21.35
N GLY B 145 0.62 29.30 21.52
CA GLY B 145 1.37 30.51 21.69
C GLY B 145 1.60 31.25 20.38
N THR B 146 2.17 32.44 20.50
CA THR B 146 2.47 33.21 19.30
C THR B 146 3.74 32.71 18.63
N THR B 147 4.72 32.26 19.42
CA THR B 147 5.94 31.69 18.88
C THR B 147 6.04 30.23 19.28
N PHE B 148 6.59 29.41 18.39
CA PHE B 148 6.77 27.98 18.62
C PHE B 148 8.11 27.56 18.04
N THR B 149 8.61 26.43 18.52
CA THR B 149 9.92 25.92 18.13
C THR B 149 9.73 24.67 17.27
N TYR B 150 10.28 24.70 16.05
CA TYR B 150 10.29 23.56 15.17
C TYR B 150 11.58 23.57 14.35
N ALA B 151 12.14 22.38 14.13
CA ALA B 151 13.38 22.15 13.35
C ALA B 151 14.57 22.89 13.95
N SER B 152 14.62 22.91 15.30
CA SER B 152 15.67 23.58 16.08
C SER B 152 15.78 25.07 15.73
N ALA B 153 14.63 25.72 15.55
CA ALA B 153 14.57 27.12 15.21
C ALA B 153 13.41 27.75 15.97
N LEU B 154 13.29 29.06 15.83
CA LEU B 154 12.24 29.83 16.50
C LEU B 154 11.36 30.48 15.43
N TRP B 155 10.06 30.21 15.49
CA TRP B 155 9.12 30.62 14.47
C TRP B 155 7.99 31.43 15.10
N GLU B 156 7.79 32.65 14.59
CA GLU B 156 6.71 33.54 15.10
C GLU B 156 5.57 33.52 14.09
N ILE B 157 4.35 33.17 14.53
CA ILE B 157 3.18 33.08 13.62
C ILE B 157 2.92 34.45 13.01
N GLN B 158 2.70 34.49 11.69
CA GLN B 158 2.42 35.78 10.99
C GLN B 158 0.91 35.92 10.81
N GLN B 159 0.25 34.87 10.30
CA GLN B 159 -1.21 34.89 10.09
C GLN B 159 -1.72 33.44 9.97
N VAL B 160 -2.98 33.20 10.32
CA VAL B 160 -3.57 31.83 10.18
C VAL B 160 -4.82 31.91 9.30
N VAL B 161 -4.94 30.99 8.33
CA VAL B 161 -6.09 30.90 7.46
C VAL B 161 -6.68 29.50 7.59
N ASP B 162 -7.95 29.37 7.26
CA ASP B 162 -8.63 28.09 7.31
C ASP B 162 -8.66 27.45 5.92
N ALA B 163 -9.48 26.39 5.80
CA ALA B 163 -9.58 25.68 4.53
C ALA B 163 -10.26 26.51 3.46
N ASP B 164 -11.11 27.44 3.84
CA ASP B 164 -11.76 28.35 2.91
C ASP B 164 -10.93 29.59 2.65
N SER B 165 -9.70 29.64 3.17
CA SER B 165 -8.75 30.75 3.02
C SER B 165 -9.32 32.06 3.54
N LYS B 166 -9.86 32.02 4.76
CA LYS B 166 -10.29 33.21 5.48
C LYS B 166 -9.39 33.40 6.69
N ILE B 167 -9.09 34.66 7.00
CA ILE B 167 -8.11 34.96 8.04
C ILE B 167 -8.70 34.64 9.41
N VAL B 168 -8.05 33.75 10.13
CA VAL B 168 -8.43 33.38 11.49
C VAL B 168 -7.52 34.13 12.45
N GLN B 169 -8.10 34.67 13.51
CA GLN B 169 -7.30 35.23 14.59
C GLN B 169 -7.02 34.16 15.62
N LEU B 170 -6.01 34.42 16.46
CA LEU B 170 -5.62 33.43 17.47
C LEU B 170 -6.62 33.38 18.61
N SER B 171 -7.46 34.40 18.74
CA SER B 171 -8.51 34.40 19.76
C SER B 171 -9.60 33.39 19.41
N GLU B 172 -9.72 33.03 18.14
CA GLU B 172 -10.78 32.10 17.73
C GLU B 172 -10.36 30.65 17.94
N ILE B 173 -9.06 30.37 17.99
CA ILE B 173 -8.62 28.98 18.07
C ILE B 173 -8.58 28.53 19.51
N SER B 174 -9.71 28.05 20.02
CA SER B 174 -9.83 27.48 21.35
C SER B 174 -10.72 26.26 21.27
N MET B 175 -10.73 25.46 22.34
CA MET B 175 -11.53 24.23 22.35
C MET B 175 -13.02 24.55 22.34
N ASP B 176 -13.41 25.73 22.82
CA ASP B 176 -14.81 26.14 22.73
C ASP B 176 -15.21 26.44 21.29
N ASN B 177 -14.39 27.19 20.57
CA ASN B 177 -14.72 27.60 19.21
C ASN B 177 -14.15 26.66 18.15
N SER B 178 -13.49 25.57 18.56
CA SER B 178 -12.97 24.59 17.61
C SER B 178 -14.01 23.92 16.70
N PRO B 179 -15.25 23.63 17.11
CA PRO B 179 -16.21 23.13 16.11
C PRO B 179 -16.66 24.16 15.08
N ASN B 180 -16.48 25.45 15.34
CA ASN B 180 -16.99 26.45 14.39
C ASN B 180 -15.97 26.78 13.31
N LEU B 181 -14.74 26.30 13.44
CA LEU B 181 -13.73 26.64 12.46
C LEU B 181 -13.68 25.60 11.33
N ALA B 182 -13.25 26.05 10.16
CA ALA B 182 -13.14 25.19 8.98
C ALA B 182 -11.76 24.53 9.02
N TRP B 183 -11.71 23.33 9.55
CA TRP B 183 -10.46 22.62 9.66
C TRP B 183 -10.09 21.98 8.32
N PRO B 184 -8.79 21.91 7.98
CA PRO B 184 -7.58 22.32 8.68
C PRO B 184 -7.29 23.81 8.68
N LEU B 185 -6.43 24.26 9.59
CA LEU B 185 -5.94 25.64 9.60
C LEU B 185 -4.49 25.63 9.15
N ILE B 186 -4.13 26.62 8.34
CA ILE B 186 -2.78 26.71 7.80
C ILE B 186 -2.12 27.95 8.40
N VAL B 187 -1.28 27.75 9.41
CA VAL B 187 -0.59 28.85 10.08
C VAL B 187 0.69 29.11 9.29
N THR B 188 1.14 30.36 9.33
CA THR B 188 2.31 30.79 8.58
C THR B 188 3.23 31.53 9.53
N ALA B 189 4.47 31.04 9.64
CA ALA B 189 5.40 31.54 10.64
C ALA B 189 6.72 31.91 9.99
N LEU B 190 7.16 33.14 10.22
CA LEU B 190 8.48 33.54 9.78
C LEU B 190 9.53 33.07 10.77
N ARG B 191 10.77 32.99 10.30
CA ARG B 191 11.88 32.54 11.13
C ARG B 191 12.37 33.69 11.99
N ALA B 192 12.38 33.48 13.31
CA ALA B 192 12.80 34.51 14.25
C ALA B 192 14.30 34.44 14.48
N LYS C 3 -38.25 3.56 -5.90
CA LYS C 3 -38.07 2.92 -4.60
C LYS C 3 -36.79 3.41 -3.91
N MET C 4 -35.89 2.49 -3.53
CA MET C 4 -34.57 2.88 -3.07
C MET C 4 -33.75 3.52 -4.20
N SER C 5 -33.93 3.03 -5.42
CA SER C 5 -33.20 3.57 -6.57
C SER C 5 -33.62 5.01 -6.87
N ASP C 6 -34.88 5.36 -6.60
CA ASP C 6 -35.34 6.72 -6.84
C ASP C 6 -34.67 7.70 -5.89
N VAL C 7 -34.52 7.34 -4.62
CA VAL C 7 -33.86 8.26 -3.69
C VAL C 7 -32.35 8.24 -3.91
N LYS C 8 -31.78 7.13 -4.40
CA LYS C 8 -30.36 7.10 -4.71
C LYS C 8 -30.05 7.94 -5.94
N CYS C 9 -30.99 8.08 -6.86
CA CYS C 9 -30.76 8.96 -8.00
C CYS C 9 -31.07 10.42 -7.67
N THR C 10 -32.06 10.64 -6.81
CA THR C 10 -32.40 11.98 -6.36
C THR C 10 -31.30 12.60 -5.52
N SER C 11 -30.57 11.78 -4.76
CA SER C 11 -29.41 12.29 -4.03
C SER C 11 -28.32 12.81 -4.97
N VAL C 12 -28.10 12.09 -6.08
CA VAL C 12 -27.11 12.51 -7.08
C VAL C 12 -27.52 13.82 -7.73
N VAL C 13 -28.81 13.92 -8.11
CA VAL C 13 -29.33 15.14 -8.71
C VAL C 13 -29.23 16.32 -7.73
N LEU C 14 -29.54 16.08 -6.46
CA LEU C 14 -29.50 17.14 -5.46
C LEU C 14 -28.07 17.60 -5.17
N LEU C 15 -27.11 16.66 -5.12
CA LEU C 15 -25.74 17.08 -4.86
C LEU C 15 -25.14 17.81 -6.05
N SER C 16 -25.52 17.45 -7.27
CA SER C 16 -25.06 18.25 -8.40
C SER C 16 -25.74 19.62 -8.44
N VAL C 17 -26.99 19.70 -7.96
CA VAL C 17 -27.66 20.99 -7.82
C VAL C 17 -26.93 21.87 -6.81
N LEU C 18 -26.56 21.29 -5.67
CA LEU C 18 -25.81 22.02 -4.64
C LEU C 18 -24.44 22.43 -5.14
N GLN C 19 -23.79 21.58 -5.92
CA GLN C 19 -22.47 21.91 -6.45
C GLN C 19 -22.55 23.02 -7.48
N GLN C 20 -23.64 23.11 -8.24
CA GLN C 20 -23.80 24.23 -9.16
C GLN C 20 -24.02 25.56 -8.43
N LEU C 21 -24.51 25.52 -7.19
CA LEU C 21 -24.74 26.73 -6.40
C LEU C 21 -23.51 27.14 -5.59
N ARG C 22 -22.33 26.61 -5.92
CA ARG C 22 -21.04 26.94 -5.29
C ARG C 22 -21.04 26.69 -3.78
N VAL C 23 -21.63 25.56 -3.37
CA VAL C 23 -21.68 25.25 -1.95
C VAL C 23 -20.34 24.73 -1.44
N GLU C 24 -19.42 24.39 -2.34
CA GLU C 24 -18.07 24.03 -1.95
C GLU C 24 -17.18 25.24 -1.66
N SER C 25 -17.74 26.45 -1.69
CA SER C 25 -17.04 27.63 -1.18
C SER C 25 -16.78 27.53 0.32
N SER C 26 -17.65 26.84 1.05
CA SER C 26 -17.45 26.54 2.46
C SER C 26 -17.17 25.04 2.57
N SER C 27 -15.98 24.70 3.05
CA SER C 27 -15.58 23.30 3.07
C SER C 27 -16.31 22.50 4.13
N LYS C 28 -16.72 23.17 5.21
CA LYS C 28 -17.48 22.52 6.32
C LYS C 28 -18.84 22.03 5.81
N LEU C 29 -19.54 22.86 5.02
CA LEU C 29 -20.84 22.46 4.50
C LEU C 29 -20.71 21.41 3.41
N TRP C 30 -19.68 21.57 2.56
CA TRP C 30 -19.44 20.62 1.48
C TRP C 30 -19.02 19.26 2.00
N ALA C 31 -18.32 19.21 3.14
CA ALA C 31 -17.91 17.92 3.71
C ALA C 31 -19.10 17.10 4.18
N GLN C 32 -20.06 17.73 4.86
CA GLN C 32 -21.23 16.98 5.29
C GLN C 32 -22.24 16.76 4.17
N CYS C 33 -22.26 17.61 3.14
CA CYS C 33 -23.04 17.30 1.94
C CYS C 33 -22.49 16.05 1.24
N VAL C 34 -21.17 15.99 1.09
CA VAL C 34 -20.52 14.82 0.48
C VAL C 34 -20.74 13.58 1.32
N GLN C 35 -20.70 13.73 2.65
CA GLN C 35 -20.94 12.60 3.55
C GLN C 35 -22.37 12.08 3.44
N LEU C 36 -23.35 12.98 3.41
CA LEU C 36 -24.75 12.56 3.29
C LEU C 36 -25.03 11.90 1.94
N HIS C 37 -24.48 12.46 0.85
CA HIS C 37 -24.66 11.89 -0.48
C HIS C 37 -24.02 10.51 -0.58
N ASN C 38 -22.80 10.36 -0.07
CA ASN C 38 -22.10 9.07 -0.11
C ASN C 38 -22.78 8.04 0.77
N ASP C 39 -23.46 8.45 1.83
CA ASP C 39 -24.12 7.47 2.68
C ASP C 39 -25.54 7.17 2.24
N ILE C 40 -26.17 8.05 1.44
CA ILE C 40 -27.38 7.64 0.75
C ILE C 40 -27.05 6.60 -0.31
N LEU C 41 -25.96 6.81 -1.05
CA LEU C 41 -25.59 5.89 -2.13
C LEU C 41 -25.10 4.53 -1.64
N LEU C 42 -24.89 4.39 -0.33
CA LEU C 42 -24.40 3.11 0.24
C LEU C 42 -25.45 2.53 1.18
N ALA C 43 -26.58 3.23 1.34
CA ALA C 43 -27.67 2.78 2.25
C ALA C 43 -28.32 1.50 1.72
N LYS C 44 -28.77 0.63 2.62
CA LYS C 44 -29.47 -0.62 2.22
C LYS C 44 -30.96 -0.50 2.57
N ASP C 45 -31.27 -0.14 3.82
CA ASP C 45 -32.67 0.06 4.28
C ASP C 45 -33.16 1.38 3.68
N THR C 46 -34.43 1.46 3.26
CA THR C 46 -34.88 2.71 2.67
C THR C 46 -35.27 3.76 3.71
N THR C 47 -35.47 3.35 4.96
CA THR C 47 -35.76 4.33 6.01
C THR C 47 -34.49 5.09 6.39
N GLU C 48 -33.34 4.46 6.22
CA GLU C 48 -32.08 5.12 6.50
C GLU C 48 -31.74 6.12 5.39
N ALA C 49 -32.15 5.82 4.16
CA ALA C 49 -31.84 6.71 3.05
C ALA C 49 -32.71 7.95 3.06
N PHE C 50 -33.96 7.78 3.50
CA PHE C 50 -34.92 8.91 3.55
C PHE C 50 -34.53 9.97 4.58
N GLU C 51 -34.03 9.54 5.75
CA GLU C 51 -33.65 10.50 6.83
C GLU C 51 -32.51 11.38 6.32
N LYS C 52 -31.53 10.77 5.65
CA LYS C 52 -30.37 11.51 5.08
C LYS C 52 -30.85 12.46 3.98
N MET C 53 -31.86 12.02 3.21
CA MET C 53 -32.41 12.86 2.10
C MET C 53 -32.99 14.15 2.71
N VAL C 54 -33.72 14.03 3.82
CA VAL C 54 -34.25 15.23 4.48
C VAL C 54 -33.10 16.13 4.94
N SER C 55 -32.10 15.53 5.58
CA SER C 55 -30.95 16.26 6.08
C SER C 55 -30.13 16.91 4.95
N LEU C 56 -30.13 16.31 3.76
CA LEU C 56 -29.42 16.90 2.63
C LEU C 56 -30.25 17.93 1.87
N LEU C 57 -31.56 17.73 1.76
CA LEU C 57 -32.42 18.70 1.08
C LEU C 57 -32.54 19.99 1.87
N SER C 58 -32.42 19.91 3.20
CA SER C 58 -32.44 21.13 3.99
C SER C 58 -31.23 22.02 3.77
N VAL C 59 -30.14 21.50 3.22
CA VAL C 59 -29.03 22.36 2.81
C VAL C 59 -29.45 23.21 1.63
N LEU C 60 -30.26 22.64 0.72
CA LEU C 60 -30.78 23.42 -0.40
C LEU C 60 -31.83 24.41 0.07
N LEU C 61 -32.70 23.99 0.99
CA LEU C 61 -33.73 24.87 1.50
C LEU C 61 -33.23 25.87 2.55
N SER C 62 -31.92 25.86 2.79
CA SER C 62 -31.31 26.79 3.78
C SER C 62 -31.01 28.13 3.09
N MET C 63 -30.09 28.12 2.14
CA MET C 63 -29.70 29.34 1.39
C MET C 63 -30.84 29.73 0.44
N GLN C 64 -30.96 31.02 0.12
CA GLN C 64 -32.01 31.51 -0.82
C GLN C 64 -31.39 31.68 -2.21
N GLY C 65 -31.19 30.57 -2.92
CA GLY C 65 -30.59 30.62 -4.27
C GLY C 65 -31.48 29.93 -5.31
N ALA C 66 -32.33 29.01 -4.85
CA ALA C 66 -33.28 28.29 -5.74
C ALA C 66 -34.70 28.53 -5.19
N VAL C 67 -35.48 29.37 -5.87
CA VAL C 67 -36.85 29.67 -5.39
C VAL C 67 -37.74 28.44 -5.62
N ASP C 68 -38.40 27.97 -4.56
CA ASP C 68 -39.33 26.81 -4.66
C ASP C 68 -40.72 27.33 -5.00
N ILE C 69 -40.92 28.65 -4.89
CA ILE C 69 -42.22 29.31 -5.22
C ILE C 69 -42.46 29.10 -6.72
N ASN C 70 -41.40 29.25 -7.53
CA ASN C 70 -41.48 29.08 -9.00
C ASN C 70 -41.88 27.63 -9.31
N LYS C 71 -41.32 26.67 -8.56
CA LYS C 71 -41.66 25.24 -8.76
C LYS C 71 -43.00 24.94 -8.07
N THR F 85 -28.32 24.18 -15.79
CA THR F 85 -28.36 25.04 -14.61
C THR F 85 -29.72 24.99 -13.95
N SER F 86 -30.75 25.42 -14.69
CA SER F 86 -32.10 25.41 -14.16
C SER F 86 -32.85 24.14 -14.52
N ALA F 87 -32.44 23.47 -15.61
CA ALA F 87 -33.05 22.19 -15.97
C ALA F 87 -32.71 21.12 -14.96
N MET F 88 -31.53 21.22 -14.35
CA MET F 88 -31.19 20.36 -13.23
C MET F 88 -32.05 20.68 -12.02
N GLN F 89 -32.46 21.94 -11.88
CA GLN F 89 -33.31 22.32 -10.77
C GLN F 89 -34.77 21.95 -11.02
N THR F 90 -35.19 21.90 -12.28
CA THR F 90 -36.53 21.42 -12.56
C THR F 90 -36.61 19.91 -12.48
N MET F 91 -35.55 19.21 -12.87
CA MET F 91 -35.58 17.75 -12.81
C MET F 91 -35.44 17.25 -11.39
N LEU F 92 -34.98 18.10 -10.47
CA LEU F 92 -34.95 17.73 -9.06
C LEU F 92 -36.36 17.67 -8.50
N PHE F 93 -37.14 18.72 -8.71
CA PHE F 93 -38.43 18.80 -8.04
C PHE F 93 -39.49 17.97 -8.74
N THR F 94 -39.26 17.54 -9.98
CA THR F 94 -40.20 16.63 -10.61
C THR F 94 -39.99 15.19 -10.13
N MET F 95 -38.79 14.89 -9.63
CA MET F 95 -38.57 13.58 -9.03
C MET F 95 -38.54 13.62 -7.51
N LEU F 96 -38.41 14.80 -6.90
CA LEU F 96 -38.66 14.91 -5.48
C LEU F 96 -40.13 14.74 -5.15
N ARG F 97 -41.01 15.24 -6.03
CA ARG F 97 -42.45 15.12 -5.87
C ARG F 97 -42.98 13.76 -6.31
N LYS F 98 -42.12 12.81 -6.65
CA LYS F 98 -42.54 11.46 -7.01
C LYS F 98 -42.10 10.43 -5.97
N LEU F 99 -41.22 10.80 -5.05
CA LEU F 99 -40.87 9.90 -3.95
C LEU F 99 -42.04 9.73 -2.99
N ASP F 100 -42.91 10.74 -2.90
CA ASP F 100 -44.17 10.72 -2.14
C ASP F 100 -43.88 10.46 -0.65
N ASN F 101 -42.79 11.03 -0.17
CA ASN F 101 -42.40 10.92 1.22
C ASN F 101 -42.90 12.16 1.96
N ASP F 102 -43.61 11.95 3.10
CA ASP F 102 -44.26 13.01 3.93
C ASP F 102 -43.19 13.97 4.46
N ALA F 103 -42.05 13.46 4.94
CA ALA F 103 -41.00 14.34 5.51
C ALA F 103 -40.45 15.29 4.44
N LEU F 104 -40.17 14.79 3.23
CA LEU F 104 -39.65 15.65 2.14
C LEU F 104 -40.71 16.68 1.74
N ASN F 105 -41.96 16.24 1.62
CA ASN F 105 -43.09 17.12 1.25
C ASN F 105 -43.32 18.17 2.34
N ASN F 106 -43.20 17.75 3.61
CA ASN F 106 -43.44 18.66 4.77
C ASN F 106 -42.44 19.81 4.74
N ILE F 107 -41.17 19.55 4.43
CA ILE F 107 -40.18 20.63 4.44
C ILE F 107 -40.22 21.42 3.14
N ILE F 108 -40.67 20.81 2.03
CA ILE F 108 -40.80 21.56 0.78
C ILE F 108 -42.01 22.50 0.84
N ASN F 109 -43.11 22.05 1.46
CA ASN F 109 -44.26 22.93 1.69
C ASN F 109 -43.91 24.08 2.62
N ASN F 110 -43.20 23.76 3.70
CA ASN F 110 -42.82 24.80 4.70
C ASN F 110 -41.93 25.82 4.01
N ALA F 111 -41.01 25.37 3.16
CA ALA F 111 -40.10 26.26 2.40
C ALA F 111 -40.93 27.13 1.44
N ARG F 112 -41.97 26.56 0.84
CA ARG F 112 -42.85 27.26 -0.12
C ARG F 112 -43.53 28.45 0.57
N ASP F 113 -43.94 28.28 1.84
CA ASP F 113 -44.63 29.34 2.62
C ASP F 113 -43.61 30.27 3.29
N GLY F 114 -42.31 30.01 3.13
CA GLY F 114 -41.24 30.84 3.71
C GLY F 114 -40.77 30.32 5.06
N CYS F 115 -41.36 29.22 5.56
CA CYS F 115 -40.91 28.64 6.85
C CYS F 115 -39.71 27.72 6.58
N VAL F 116 -38.60 28.32 6.14
CA VAL F 116 -37.32 27.61 5.82
C VAL F 116 -36.52 27.32 7.10
N PRO F 117 -35.58 26.35 7.09
CA PRO F 117 -34.73 26.03 8.26
C PRO F 117 -33.33 26.63 8.06
N LEU F 118 -32.84 27.38 9.06
CA LEU F 118 -31.52 28.06 9.00
C LEU F 118 -30.35 27.07 8.90
N ASN F 119 -30.38 25.97 9.65
CA ASN F 119 -29.27 25.04 9.64
C ASN F 119 -29.73 23.69 9.09
N ILE F 120 -28.89 22.69 9.25
CA ILE F 120 -29.17 21.36 8.72
C ILE F 120 -30.01 20.60 9.74
N ILE F 121 -31.07 19.92 9.28
CA ILE F 121 -31.91 19.10 10.13
C ILE F 121 -31.06 17.94 10.65
N PRO F 122 -30.91 17.77 11.95
CA PRO F 122 -30.18 16.62 12.46
C PRO F 122 -31.07 15.40 12.55
N LEU F 123 -30.47 14.22 12.43
CA LEU F 123 -31.20 12.97 12.50
C LEU F 123 -30.72 12.09 13.65
N THR F 124 -29.86 12.63 14.52
CA THR F 124 -29.43 11.95 15.73
C THR F 124 -30.53 11.98 16.79
N THR F 125 -30.17 11.49 17.98
CA THR F 125 -31.13 11.35 19.08
C THR F 125 -31.62 12.72 19.57
N ALA F 126 -30.70 13.64 19.82
CA ALA F 126 -31.07 15.00 20.20
C ALA F 126 -29.99 15.96 19.73
N ALA F 127 -30.40 16.96 18.96
CA ALA F 127 -29.52 18.05 18.53
C ALA F 127 -30.37 19.26 18.18
N LYS F 128 -29.69 20.34 17.81
CA LYS F 128 -30.34 21.64 17.70
C LYS F 128 -30.80 21.91 16.29
N LEU F 129 -31.98 22.53 16.16
CA LEU F 129 -32.54 22.93 14.89
C LEU F 129 -33.06 24.35 14.98
N MET F 130 -32.71 25.19 14.00
CA MET F 130 -33.21 26.59 13.98
C MET F 130 -34.19 26.72 12.82
N VAL F 131 -35.45 27.08 13.11
CA VAL F 131 -36.49 27.22 12.06
C VAL F 131 -36.98 28.67 12.03
N VAL F 132 -37.01 29.28 10.84
CA VAL F 132 -37.45 30.70 10.68
C VAL F 132 -38.93 30.69 10.25
N ILE F 133 -39.68 31.40 11.07
CA ILE F 133 -41.11 31.55 10.86
C ILE F 133 -41.36 32.95 10.29
N PRO F 134 -41.96 33.09 9.12
CA PRO F 134 -42.15 34.44 8.56
C PRO F 134 -43.23 35.27 9.25
N ASP F 135 -44.41 34.69 9.52
CA ASP F 135 -45.48 35.41 10.19
C ASP F 135 -46.42 34.43 10.87
N TYR F 136 -47.54 34.95 11.38
CA TYR F 136 -48.27 34.27 12.45
C TYR F 136 -49.01 33.02 11.97
N ASN F 137 -49.61 33.08 10.79
CA ASN F 137 -50.56 32.03 10.40
C ASN F 137 -49.83 30.73 10.09
N THR F 138 -48.59 30.81 9.62
CA THR F 138 -47.79 29.60 9.47
C THR F 138 -47.10 29.18 10.76
N TYR F 139 -47.31 29.89 11.86
CA TYR F 139 -46.79 29.47 13.16
C TYR F 139 -47.77 28.63 13.96
N LYS F 140 -49.06 28.94 13.91
CA LYS F 140 -50.07 28.18 14.64
C LYS F 140 -50.31 26.79 14.05
N ASN F 141 -49.95 26.74 12.71
CA ASN F 141 -50.25 25.40 12.13
C ASN F 141 -49.15 24.40 12.52
N THR F 142 -47.98 24.91 12.90
CA THR F 142 -46.84 24.04 13.28
C THR F 142 -46.71 23.97 14.81
N CYS F 143 -46.78 25.13 15.48
CA CYS F 143 -46.63 25.17 16.93
C CYS F 143 -48.01 25.20 17.60
N ASP F 144 -48.26 24.22 18.46
CA ASP F 144 -49.36 24.30 19.44
C ASP F 144 -48.80 23.86 20.81
N GLY F 145 -48.20 24.81 21.52
CA GLY F 145 -47.66 24.55 22.84
C GLY F 145 -46.15 24.49 22.89
N THR F 146 -45.61 23.39 23.45
CA THR F 146 -44.18 23.21 23.57
C THR F 146 -43.62 22.21 22.56
N THR F 147 -44.39 21.86 21.53
CA THR F 147 -44.01 20.85 20.55
C THR F 147 -44.48 21.30 19.17
N PHE F 148 -43.57 21.27 18.19
CA PHE F 148 -43.98 21.53 16.81
C PHE F 148 -43.55 20.38 15.91
N THR F 149 -44.34 20.16 14.87
CA THR F 149 -44.17 19.05 13.95
C THR F 149 -43.35 19.50 12.75
N TYR F 150 -42.28 18.77 12.48
CA TYR F 150 -41.39 19.09 11.37
C TYR F 150 -40.77 17.79 10.87
N ALA F 151 -40.85 17.58 9.56
CA ALA F 151 -40.23 16.44 8.86
C ALA F 151 -40.72 15.09 9.41
N SER F 152 -42.02 15.06 9.76
CA SER F 152 -42.66 13.96 10.50
C SER F 152 -41.89 13.61 11.76
N ALA F 153 -41.63 14.61 12.59
CA ALA F 153 -40.94 14.45 13.86
C ALA F 153 -41.37 15.57 14.79
N LEU F 154 -41.12 15.39 16.07
CA LEU F 154 -41.55 16.33 17.10
C LEU F 154 -40.32 16.98 17.71
N TRP F 155 -40.35 18.32 17.81
CA TRP F 155 -39.22 19.11 18.25
C TRP F 155 -39.70 20.08 19.32
N GLU F 156 -39.10 20.01 20.51
CA GLU F 156 -39.56 20.84 21.61
C GLU F 156 -38.81 22.18 21.65
N ILE F 157 -39.58 23.27 21.70
CA ILE F 157 -39.06 24.62 21.49
C ILE F 157 -38.33 25.09 22.73
N GLN F 158 -37.17 25.72 22.53
CA GLN F 158 -36.33 26.22 23.61
C GLN F 158 -36.21 27.73 23.65
N GLN F 159 -36.32 28.40 22.51
CA GLN F 159 -35.98 29.81 22.42
C GLN F 159 -36.65 30.39 21.18
N VAL F 160 -37.24 31.57 21.32
CA VAL F 160 -37.84 32.30 20.20
C VAL F 160 -37.29 33.71 20.22
N VAL F 161 -36.53 34.05 19.19
CA VAL F 161 -36.04 35.41 18.98
C VAL F 161 -36.68 35.94 17.70
N ASP F 162 -36.78 37.26 17.56
CA ASP F 162 -37.48 37.89 16.45
C ASP F 162 -36.68 39.08 15.93
N ALA F 163 -35.90 38.85 14.87
CA ALA F 163 -35.08 39.85 14.15
C ALA F 163 -34.04 40.52 15.05
N ASP F 164 -33.76 39.93 16.20
CA ASP F 164 -32.75 40.31 17.18
C ASP F 164 -32.37 39.01 17.88
N SER F 165 -31.63 39.12 18.99
CA SER F 165 -31.71 38.10 20.04
C SER F 165 -32.67 38.63 21.10
N LYS F 166 -33.91 38.85 20.66
CA LYS F 166 -34.97 39.38 21.49
C LYS F 166 -35.79 38.17 21.95
N ILE F 167 -35.40 37.60 23.08
CA ILE F 167 -36.05 36.35 23.57
C ILE F 167 -37.53 36.64 23.86
N VAL F 168 -38.41 35.76 23.39
CA VAL F 168 -39.88 35.93 23.61
C VAL F 168 -40.44 34.65 24.23
N GLN F 169 -41.16 34.79 25.36
CA GLN F 169 -41.82 33.68 26.02
C GLN F 169 -42.69 32.89 25.05
N LEU F 170 -43.14 31.71 25.50
CA LEU F 170 -44.04 30.89 24.70
C LEU F 170 -45.51 31.24 24.91
N SER F 171 -45.84 31.97 25.97
CA SER F 171 -47.22 32.37 26.24
C SER F 171 -47.67 33.55 25.38
N GLU F 172 -46.74 34.15 24.64
CA GLU F 172 -46.99 35.33 23.83
C GLU F 172 -47.92 35.04 22.65
N ILE F 173 -47.86 33.83 22.10
CA ILE F 173 -48.39 33.60 20.77
C ILE F 173 -49.92 33.50 20.78
N SER F 174 -50.55 34.47 20.11
CA SER F 174 -51.98 34.53 19.85
C SER F 174 -52.21 35.63 18.82
N MET F 175 -53.42 35.66 18.26
CA MET F 175 -53.79 36.74 17.35
C MET F 175 -54.09 38.01 18.14
N ASP F 176 -54.42 37.86 19.43
CA ASP F 176 -54.75 38.97 20.31
C ASP F 176 -53.59 39.95 20.44
N ASN F 177 -52.36 39.46 20.38
CA ASN F 177 -51.17 40.28 20.32
C ASN F 177 -50.35 40.05 19.05
N SER F 178 -51.01 40.01 17.89
CA SER F 178 -50.28 39.83 16.63
C SER F 178 -49.39 41.02 16.25
N PRO F 179 -49.78 42.31 16.38
CA PRO F 179 -48.78 43.35 16.13
C PRO F 179 -47.74 43.46 17.24
N ASN F 180 -47.99 42.87 18.39
CA ASN F 180 -46.97 42.80 19.44
C ASN F 180 -45.96 41.70 19.13
N TRP F 183 -41.35 40.66 12.37
CA TRP F 183 -41.86 39.30 12.16
C TRP F 183 -40.95 38.16 11.67
N PRO F 184 -39.81 38.43 11.00
CA PRO F 184 -38.81 37.36 10.86
C PRO F 184 -38.40 36.83 12.22
N LEU F 185 -38.77 35.57 12.46
CA LEU F 185 -38.72 34.99 13.79
C LEU F 185 -37.95 33.68 13.70
N ILE F 186 -37.15 33.41 14.72
CA ILE F 186 -36.33 32.21 14.77
C ILE F 186 -36.78 31.33 15.92
N VAL F 187 -36.86 30.03 15.68
CA VAL F 187 -37.19 29.06 16.71
C VAL F 187 -36.07 28.05 16.79
N THR F 188 -35.41 27.94 17.93
CA THR F 188 -34.29 27.03 18.11
C THR F 188 -34.73 25.92 19.04
N ALA F 189 -34.91 24.71 18.51
CA ALA F 189 -35.51 23.62 19.27
C ALA F 189 -34.60 22.39 19.31
N LEU F 190 -35.12 21.31 19.89
CA LEU F 190 -34.41 20.03 19.98
C LEU F 190 -35.46 18.95 19.74
N ARG F 191 -35.06 17.88 19.05
CA ARG F 191 -36.01 16.77 18.75
C ARG F 191 -35.83 15.66 19.79
N ALA F 192 -36.74 14.69 19.82
CA ALA F 192 -36.68 13.56 20.78
C ALA F 192 -35.60 12.58 20.34
ZN ZN G . 27.24 -6.28 -4.09
ZN ZN H . 20.01 -1.45 -23.35
P1 POP I . -7.51 -2.33 -2.23
O1 POP I . -6.43 -3.29 -1.78
O2 POP I . -8.88 -2.66 -1.68
O3 POP I . -7.15 -0.87 -2.16
O POP I . -7.65 -2.62 -3.80
P2 POP I . -8.73 -1.82 -4.67
O4 POP I . -8.32 -2.07 -6.09
O5 POP I . -10.04 -2.46 -4.28
O6 POP I . -8.57 -0.39 -4.22
MG MG J . -5.61 -4.66 -5.71
MG MG K . -10.58 -8.72 -10.33
MG MG L . 21.68 -32.17 16.80
MG MG M . 18.76 -29.29 17.49
P1 POP N . 18.69 -31.05 20.48
O1 POP N . 19.16 -31.19 21.91
O2 POP N . 19.56 -30.15 19.65
O3 POP N . 17.21 -30.83 20.34
O POP N . 18.91 -32.53 19.87
P2 POP N . 19.09 -32.80 18.30
O4 POP N . 20.53 -33.21 18.18
O5 POP N . 18.12 -33.88 18.01
O6 POP N . 18.78 -31.48 17.62
N1 HCU O . -5.03 2.70 -13.27
N3 HCU O . -2.58 -0.07 -11.70
C4 HCU O . -2.92 1.86 -12.63
C5 HCU O . -1.42 0.53 -11.85
C6 HCU O . -2.71 -1.38 -11.09
C7 HCU O . -2.22 -1.38 -9.69
C8 HCU O . -3.36 -1.42 -8.94
C10 HCU O . -2.98 -0.49 -7.99
C1 HCU O . -3.72 2.87 -13.17
C2 HCU O . -5.61 1.61 -12.78
N2 HCU O . -4.89 0.64 -12.25
C3 HCU O . -3.55 0.73 -12.16
O1 HCU O . -3.16 4.05 -13.69
N4 HCU O . -1.61 1.70 -12.43
N5 HCU O . -7.04 1.48 -12.87
C9 HCU O . -4.27 -2.50 -8.58
O2 HCU O . -3.87 0.65 -8.03
O3 HCU O . -4.96 -2.77 -9.55
P1 HCU O . -6.32 -3.06 -9.85
O4 HCU O . -7.04 -1.94 -9.92
O5 HCU O . -6.88 -3.93 -8.81
#